data_8P0P
#
_entry.id   8P0P
#
_cell.length_a   47.068
_cell.length_b   114.005
_cell.length_c   258.008
_cell.angle_alpha   90.00
_cell.angle_beta   90.00
_cell.angle_gamma   90.00
#
_symmetry.space_group_name_H-M   'P 21 21 21'
#
loop_
_entity.id
_entity.type
_entity.pdbx_description
1 polymer Adhesin
2 non-polymer "URIDINE-5'-DIPHOSPHATE-2-DEOXY-2-FLUORO-ALPHA-D-GLUCOSE"
3 non-polymer "URIDINE-5'-DIPHOSPHATE"
4 water water
#
_entity_poly.entity_id   1
_entity_poly.type   'polypeptide(L)'
_entity_poly.pdbx_seq_one_letter_code
;GMSRKKNPSVIQFEKAITEKNYEAACTELLDILNKIDTNFGDIEGIDFDYPQQLETLMQDRIVYFCTRMSNAITQLFCDP
QFSLSESGANRFFVVQRWLNLIFASSPYINADHILQTYNCNPERDSIYDIYLEPNKNVLMKFAVLYLPESNVNLNLDTMW
ETDKNICGSLCFALQSPRFIGTPAAFSKRSTILQWFPAKLEQFHVLDDLPSNISHDVYMHCSYDTAENKHNVKKALNQVI
RSHLLKCGWQDRQITQIGMRNGKPVMVVVLEHFHSSHSIYRTHSTSMIAAREQFYLIGLGNNAVDQAGRDVFDEFHEFDG
SNILKKLAFLKEMCEKNDAAVLYMPSIGMDLATIFVSNARFAPIQVIALGHPATTHSEFIEYVIVEDDYVGSESCFSETL
LRLPKDALPYVPSSLAPTDVQYVLRETPEVVNIGIAATTMKLNPYFLETLKTIRDRAKVKVHFHFALGQSIGITHPYVAR
FIRSYLGDDATAHPHSPYNRYLDILHNCDMMLNPFPFGNTNGIIDMVTLGLVGVCKTGPEVHEHIDEGLFKRLGLPEWLI
ADSVEDYIERAIRLAENHQERLALRRHIIENNGLKTLFSGDPSPMGKTLFAKLTEWRQTNGI
;
_entity_poly.pdbx_strand_id   A,B
#
loop_
_chem_comp.id
_chem_comp.type
_chem_comp.name
_chem_comp.formula
U2F non-polymer URIDINE-5'-DIPHOSPHATE-2-DEOXY-2-FLUORO-ALPHA-D-GLUCOSE 'C15 H23 F N2 O16 P2'
UDP RNA linking URIDINE-5'-DIPHOSPHATE 'C9 H14 N2 O12 P2'
#
# COMPACT_ATOMS: atom_id res chain seq x y z
N GLY A 1 -28.11 -6.98 -14.47
CA GLY A 1 -28.86 -6.86 -13.20
C GLY A 1 -30.07 -5.92 -13.29
N MET A 2 -31.13 -6.28 -12.55
CA MET A 2 -32.25 -5.38 -12.35
C MET A 2 -32.13 -4.80 -10.94
N SER A 3 -32.60 -3.56 -10.78
CA SER A 3 -32.32 -2.81 -9.58
C SER A 3 -33.28 -1.63 -9.47
N ARG A 4 -33.21 -0.96 -8.32
CA ARG A 4 -34.29 -0.08 -7.91
C ARG A 4 -34.16 1.23 -8.69
N LYS A 5 -32.94 1.80 -8.65
CA LYS A 5 -32.57 3.03 -9.30
C LYS A 5 -31.29 2.78 -10.13
N LYS A 6 -31.09 3.55 -11.19
CA LYS A 6 -29.85 3.59 -11.95
C LYS A 6 -28.67 3.90 -11.03
N ASN A 7 -27.59 3.12 -11.16
CA ASN A 7 -26.36 3.41 -10.44
C ASN A 7 -25.78 4.75 -10.88
N PRO A 8 -25.15 5.54 -10.00
CA PRO A 8 -24.25 6.61 -10.43
C PRO A 8 -23.06 6.09 -11.24
N SER A 9 -22.62 6.87 -12.22
CA SER A 9 -21.59 6.44 -13.16
C SER A 9 -20.44 7.43 -13.19
N VAL A 10 -19.23 6.92 -12.95
CA VAL A 10 -18.02 7.71 -13.15
C VAL A 10 -17.95 8.16 -14.61
N ILE A 11 -18.48 7.34 -15.50
CA ILE A 11 -18.38 7.56 -16.93
C ILE A 11 -19.33 8.68 -17.34
N GLN A 12 -20.56 8.65 -16.81
CA GLN A 12 -21.54 9.72 -17.01
C GLN A 12 -20.97 11.03 -16.51
N PHE A 13 -20.38 11.00 -15.32
CA PHE A 13 -19.73 12.15 -14.72
C PHE A 13 -18.68 12.73 -15.67
N GLU A 14 -17.91 11.83 -16.28
CA GLU A 14 -16.83 12.22 -17.17
C GLU A 14 -17.41 12.82 -18.46
N LYS A 15 -18.41 12.15 -19.07
CA LYS A 15 -19.13 12.68 -20.22
C LYS A 15 -19.54 14.12 -19.98
N ALA A 16 -20.28 14.35 -18.89
CA ALA A 16 -20.85 15.64 -18.56
C ALA A 16 -19.79 16.74 -18.66
N ILE A 17 -18.63 16.44 -18.09
CA ILE A 17 -17.51 17.37 -18.02
C ILE A 17 -16.93 17.61 -19.41
N THR A 18 -16.90 16.59 -20.27
CA THR A 18 -16.38 16.82 -21.61
C THR A 18 -17.33 17.75 -22.34
N GLU A 19 -18.63 17.41 -22.26
CA GLU A 19 -19.68 18.16 -22.93
C GLU A 19 -19.89 19.53 -22.28
N LYS A 20 -19.18 19.80 -21.17
CA LYS A 20 -19.33 21.04 -20.43
C LYS A 20 -20.81 21.28 -20.17
N ASN A 21 -21.48 20.18 -19.83
CA ASN A 21 -22.81 20.20 -19.23
C ASN A 21 -22.62 20.18 -17.71
N TYR A 22 -22.44 21.36 -17.14
CA TYR A 22 -22.03 21.45 -15.76
C TYR A 22 -23.15 20.95 -14.83
N GLU A 23 -24.40 21.07 -15.28
CA GLU A 23 -25.56 20.78 -14.46
C GLU A 23 -25.63 19.26 -14.23
N ALA A 24 -25.58 18.49 -15.33
CA ALA A 24 -25.47 17.04 -15.26
C ALA A 24 -24.29 16.59 -14.39
N ALA A 25 -23.15 17.29 -14.57
CA ALA A 25 -21.91 16.92 -13.93
C ALA A 25 -22.05 17.01 -12.41
N CYS A 26 -22.42 18.20 -11.93
CA CYS A 26 -22.71 18.34 -10.51
C CYS A 26 -23.69 17.28 -10.04
N THR A 27 -24.70 17.00 -10.88
CA THR A 27 -25.67 16.00 -10.49
C THR A 27 -25.00 14.63 -10.32
N GLU A 28 -24.27 14.18 -11.35
CA GLU A 28 -23.73 12.84 -11.26
C GLU A 28 -22.79 12.81 -10.06
N LEU A 29 -22.02 13.90 -9.89
CA LEU A 29 -21.08 13.99 -8.79
C LEU A 29 -21.81 13.83 -7.44
N LEU A 30 -22.87 14.63 -7.27
CA LEU A 30 -23.67 14.64 -6.04
C LEU A 30 -24.22 13.25 -5.79
N ASP A 31 -24.67 12.56 -6.85
CA ASP A 31 -25.31 11.26 -6.70
C ASP A 31 -24.27 10.22 -6.31
N ILE A 32 -23.04 10.37 -6.82
CA ILE A 32 -21.98 9.44 -6.44
C ILE A 32 -21.72 9.64 -4.96
N LEU A 33 -21.47 10.89 -4.56
CA LEU A 33 -21.08 11.15 -3.18
C LEU A 33 -22.19 10.67 -2.24
N ASN A 34 -23.44 11.00 -2.55
CA ASN A 34 -24.56 10.57 -1.72
C ASN A 34 -24.52 9.04 -1.58
N LYS A 35 -24.33 8.33 -2.68
CA LYS A 35 -24.40 6.89 -2.57
C LYS A 35 -23.28 6.41 -1.63
N ILE A 36 -22.14 7.10 -1.67
CA ILE A 36 -21.00 6.68 -0.87
C ILE A 36 -21.34 6.96 0.59
N ASP A 37 -22.00 8.09 0.84
CA ASP A 37 -22.43 8.50 2.18
C ASP A 37 -23.35 7.43 2.77
N THR A 38 -24.24 6.95 1.90
CA THR A 38 -25.23 5.96 2.28
C THR A 38 -24.57 4.63 2.64
N ASN A 39 -23.41 4.33 2.04
CA ASN A 39 -22.77 3.06 2.24
C ASN A 39 -21.55 3.17 3.16
N PHE A 40 -21.39 4.35 3.78
CA PHE A 40 -20.30 4.63 4.71
C PHE A 40 -18.95 4.37 4.06
N GLY A 41 -18.81 4.85 2.81
CA GLY A 41 -17.52 4.88 2.14
C GLY A 41 -17.31 3.73 1.16
N ASP A 42 -18.20 2.73 1.20
CA ASP A 42 -18.17 1.63 0.24
C ASP A 42 -18.58 2.14 -1.14
N ILE A 43 -17.99 1.59 -2.20
CA ILE A 43 -18.23 2.10 -3.55
C ILE A 43 -18.96 1.07 -4.39
N GLU A 44 -19.58 0.03 -3.80
CA GLU A 44 -20.32 -0.90 -4.62
C GLU A 44 -21.52 -0.15 -5.17
N GLY A 45 -21.84 -0.39 -6.43
CA GLY A 45 -23.01 0.24 -7.02
C GLY A 45 -22.77 1.67 -7.49
N ILE A 46 -21.47 2.03 -7.59
CA ILE A 46 -20.98 3.11 -8.41
C ILE A 46 -20.33 2.46 -9.63
N ASP A 47 -20.75 2.91 -10.83
CA ASP A 47 -20.35 2.26 -12.07
C ASP A 47 -19.05 2.89 -12.55
N PHE A 48 -18.00 2.07 -12.77
CA PHE A 48 -16.81 2.54 -13.46
C PHE A 48 -16.00 1.37 -14.05
N ASP A 49 -15.40 1.55 -15.24
CA ASP A 49 -14.54 0.55 -15.87
C ASP A 49 -13.18 0.58 -15.18
N TYR A 50 -12.40 -0.50 -15.29
CA TYR A 50 -11.09 -0.50 -14.65
C TYR A 50 -10.22 -1.66 -15.12
N PRO A 51 -8.88 -1.51 -15.16
CA PRO A 51 -8.02 -2.60 -15.58
C PRO A 51 -8.24 -3.89 -14.79
N GLN A 52 -8.30 -5.00 -15.55
CA GLN A 52 -8.59 -6.31 -15.02
C GLN A 52 -7.71 -6.67 -13.82
N GLN A 53 -6.53 -6.05 -13.74
CA GLN A 53 -5.56 -6.37 -12.71
C GLN A 53 -6.15 -6.05 -11.34
N LEU A 54 -7.16 -5.15 -11.34
CA LEU A 54 -7.71 -4.59 -10.12
C LEU A 54 -8.99 -5.34 -9.71
N GLU A 55 -9.38 -6.35 -10.50
CA GLU A 55 -10.57 -7.13 -10.22
C GLU A 55 -10.52 -7.70 -8.80
N THR A 56 -9.38 -8.21 -8.35
CA THR A 56 -9.36 -8.93 -7.08
C THR A 56 -8.57 -8.16 -6.03
N LEU A 57 -8.25 -6.89 -6.30
CA LEU A 57 -7.39 -6.12 -5.41
C LEU A 57 -8.16 -4.89 -4.93
N MET A 58 -8.89 -5.03 -3.84
CA MET A 58 -9.92 -4.05 -3.52
C MET A 58 -9.27 -2.70 -3.14
N GLN A 59 -8.29 -2.71 -2.24
CA GLN A 59 -7.65 -1.49 -1.80
C GLN A 59 -7.10 -0.71 -3.00
N ASP A 60 -6.47 -1.43 -3.93
CA ASP A 60 -5.96 -0.85 -5.14
C ASP A 60 -7.09 -0.28 -6.03
N ARG A 61 -8.20 -1.02 -6.16
CA ARG A 61 -9.34 -0.56 -6.95
C ARG A 61 -9.87 0.74 -6.30
N ILE A 62 -9.92 0.78 -4.97
CA ILE A 62 -10.44 1.97 -4.30
C ILE A 62 -9.57 3.17 -4.67
N VAL A 63 -8.25 3.06 -4.45
CA VAL A 63 -7.33 4.13 -4.81
C VAL A 63 -7.53 4.55 -6.27
N TYR A 64 -7.65 3.55 -7.15
CA TYR A 64 -7.86 3.84 -8.55
C TYR A 64 -9.10 4.70 -8.73
N PHE A 65 -10.19 4.27 -8.09
CA PHE A 65 -11.44 5.01 -8.08
C PHE A 65 -11.18 6.45 -7.65
N CYS A 66 -10.52 6.62 -6.51
CA CYS A 66 -10.37 7.96 -5.96
C CYS A 66 -9.54 8.86 -6.86
N THR A 67 -8.47 8.29 -7.44
CA THR A 67 -7.64 9.03 -8.36
C THR A 67 -8.45 9.53 -9.57
N ARG A 68 -9.24 8.62 -10.14
CA ARG A 68 -10.01 8.90 -11.34
C ARG A 68 -11.12 9.91 -11.05
N MET A 69 -11.75 9.79 -9.87
CA MET A 69 -12.75 10.75 -9.41
C MET A 69 -12.06 12.08 -9.13
N SER A 70 -10.84 12.04 -8.55
CA SER A 70 -10.12 13.28 -8.31
C SER A 70 -9.92 14.03 -9.62
N ASN A 71 -9.52 13.30 -10.67
CA ASN A 71 -9.13 13.98 -11.89
C ASN A 71 -10.35 14.64 -12.50
N ALA A 72 -11.49 13.95 -12.48
CA ALA A 72 -12.70 14.52 -13.06
C ALA A 72 -13.10 15.80 -12.32
N ILE A 73 -13.11 15.74 -10.97
CA ILE A 73 -13.40 16.92 -10.17
C ILE A 73 -12.44 18.06 -10.52
N THR A 74 -11.17 17.74 -10.72
CA THR A 74 -10.20 18.76 -11.10
C THR A 74 -10.61 19.44 -12.42
N GLN A 75 -10.84 18.63 -13.47
CA GLN A 75 -11.22 19.13 -14.78
C GLN A 75 -12.44 20.05 -14.68
N LEU A 76 -13.31 19.78 -13.68
CA LEU A 76 -14.57 20.48 -13.54
C LEU A 76 -14.38 21.79 -12.76
N PHE A 77 -13.75 21.74 -11.60
CA PHE A 77 -13.71 22.91 -10.74
C PHE A 77 -12.74 23.96 -11.26
N CYS A 78 -11.68 23.56 -11.99
CA CYS A 78 -10.78 24.52 -12.59
C CYS A 78 -11.36 25.11 -13.87
N ASP A 79 -12.54 24.67 -14.28
CA ASP A 79 -13.23 25.33 -15.37
C ASP A 79 -13.76 26.66 -14.85
N PRO A 80 -13.31 27.80 -15.41
CA PRO A 80 -13.76 29.10 -14.92
C PRO A 80 -15.16 29.39 -15.44
N GLN A 81 -15.64 28.58 -16.39
CA GLN A 81 -17.00 28.67 -16.90
C GLN A 81 -18.02 28.08 -15.93
N PHE A 82 -17.54 27.46 -14.84
CA PHE A 82 -18.39 26.62 -14.01
C PHE A 82 -18.92 27.40 -12.82
N SER A 83 -20.22 27.72 -12.87
CA SER A 83 -20.89 28.55 -11.87
C SER A 83 -21.62 27.66 -10.86
N LEU A 84 -21.20 27.76 -9.60
CA LEU A 84 -21.81 26.97 -8.55
C LEU A 84 -22.92 27.77 -7.86
N SER A 85 -24.11 27.15 -7.80
CA SER A 85 -25.27 27.68 -7.11
C SER A 85 -25.03 27.67 -5.60
N GLU A 86 -25.76 28.51 -4.86
CA GLU A 86 -25.71 28.45 -3.40
C GLU A 86 -26.25 27.10 -2.93
N SER A 87 -27.42 26.72 -3.44
CA SER A 87 -27.96 25.37 -3.25
C SER A 87 -26.92 24.31 -3.59
N GLY A 88 -26.27 24.54 -4.73
CA GLY A 88 -25.21 23.68 -5.24
C GLY A 88 -24.11 23.50 -4.21
N ALA A 89 -23.57 24.64 -3.75
CA ALA A 89 -22.56 24.63 -2.70
C ALA A 89 -23.11 23.95 -1.45
N ASN A 90 -24.35 24.27 -1.09
CA ASN A 90 -24.86 23.76 0.17
C ASN A 90 -24.85 22.23 0.17
N ARG A 91 -25.21 21.65 -0.99
CA ARG A 91 -25.30 20.21 -1.11
C ARG A 91 -23.89 19.60 -1.03
N PHE A 92 -22.88 20.32 -1.57
CA PHE A 92 -21.52 19.81 -1.57
C PHE A 92 -20.95 19.85 -0.16
N PHE A 93 -21.25 20.90 0.62
CA PHE A 93 -20.78 20.96 2.00
C PHE A 93 -21.26 19.75 2.81
N VAL A 94 -22.44 19.24 2.47
CA VAL A 94 -23.01 18.14 3.23
C VAL A 94 -22.19 16.87 3.03
N VAL A 95 -21.65 16.75 1.81
CA VAL A 95 -20.85 15.61 1.41
C VAL A 95 -19.38 15.98 1.28
N GLN A 96 -18.96 17.10 1.87
CA GLN A 96 -17.56 17.45 1.79
C GLN A 96 -16.71 16.38 2.47
N ARG A 97 -17.25 15.71 3.51
CA ARG A 97 -16.42 14.74 4.21
C ARG A 97 -15.96 13.67 3.23
N TRP A 98 -16.82 13.36 2.23
CA TRP A 98 -16.55 12.33 1.24
C TRP A 98 -15.64 12.85 0.14
N LEU A 99 -15.83 14.11 -0.26
CA LEU A 99 -14.90 14.79 -1.15
C LEU A 99 -13.48 14.71 -0.59
N ASN A 100 -13.35 14.87 0.73
CA ASN A 100 -12.02 14.86 1.32
C ASN A 100 -11.31 13.54 0.99
N LEU A 101 -12.08 12.45 1.05
CA LEU A 101 -11.55 11.10 0.86
C LEU A 101 -11.23 10.77 -0.61
N ILE A 102 -12.02 11.32 -1.54
CA ILE A 102 -11.74 11.21 -2.95
C ILE A 102 -10.29 11.63 -3.22
N PHE A 103 -9.86 12.72 -2.57
CA PHE A 103 -8.50 13.19 -2.75
C PHE A 103 -7.56 12.49 -1.77
N ALA A 104 -7.91 12.46 -0.48
CA ALA A 104 -7.02 11.95 0.55
C ALA A 104 -6.65 10.48 0.39
N SER A 105 -7.49 9.67 -0.26
CA SER A 105 -7.16 8.27 -0.48
C SER A 105 -6.61 8.09 -1.89
N SER A 106 -6.68 9.15 -2.69
CA SER A 106 -5.91 9.23 -3.94
C SER A 106 -4.46 9.50 -3.58
N PRO A 107 -3.51 9.41 -4.53
CA PRO A 107 -2.13 9.81 -4.24
C PRO A 107 -1.96 11.32 -4.03
N TYR A 108 -2.97 12.12 -4.42
CA TYR A 108 -2.87 13.57 -4.46
C TYR A 108 -3.06 14.23 -3.09
N ILE A 109 -3.69 13.54 -2.14
CA ILE A 109 -3.83 13.98 -0.74
C ILE A 109 -4.93 15.03 -0.50
N ASN A 110 -4.90 16.12 -1.27
CA ASN A 110 -5.95 17.11 -1.17
C ASN A 110 -6.15 17.76 -2.53
N ALA A 111 -7.00 18.77 -2.59
CA ALA A 111 -7.30 19.37 -3.87
C ALA A 111 -6.64 20.74 -3.94
N ASP A 112 -5.55 20.98 -3.19
CA ASP A 112 -4.91 22.30 -3.19
C ASP A 112 -4.48 22.68 -4.61
N HIS A 113 -4.21 21.69 -5.46
CA HIS A 113 -3.90 21.95 -6.86
C HIS A 113 -5.02 22.72 -7.54
N ILE A 114 -6.28 22.49 -7.15
CA ILE A 114 -7.42 23.20 -7.72
C ILE A 114 -7.51 24.60 -7.14
N LEU A 115 -7.28 24.70 -5.81
CA LEU A 115 -7.30 25.98 -5.14
C LEU A 115 -6.34 26.95 -5.84
N GLN A 116 -5.14 26.47 -6.21
CA GLN A 116 -4.10 27.32 -6.80
C GLN A 116 -4.54 28.02 -8.08
N THR A 117 -5.51 27.46 -8.83
CA THR A 117 -5.97 28.03 -10.08
C THR A 117 -6.87 29.24 -9.81
N TYR A 118 -7.36 29.34 -8.58
CA TYR A 118 -8.23 30.44 -8.21
C TYR A 118 -7.44 31.66 -7.74
N ASN A 119 -6.12 31.55 -7.53
CA ASN A 119 -5.34 32.71 -7.11
C ASN A 119 -5.18 33.74 -8.24
N CYS A 120 -5.25 35.02 -7.89
CA CYS A 120 -5.30 36.11 -8.86
C CYS A 120 -4.17 37.11 -8.62
N ASN A 121 -3.35 36.83 -7.61
CA ASN A 121 -2.39 37.78 -7.07
C ASN A 121 -0.96 37.26 -7.31
N PRO A 122 -0.34 37.58 -8.47
CA PRO A 122 0.95 36.99 -8.82
C PRO A 122 2.06 37.49 -7.90
N GLU A 123 1.79 38.57 -7.15
CA GLU A 123 2.81 39.27 -6.36
C GLU A 123 2.71 38.90 -4.88
N ARG A 124 2.27 37.68 -4.55
CA ARG A 124 1.92 37.32 -3.19
C ARG A 124 3.14 36.80 -2.43
N ASP A 125 3.07 36.76 -1.10
CA ASP A 125 4.21 36.43 -0.24
C ASP A 125 4.54 34.94 -0.31
N SER A 126 3.54 34.11 -0.02
CA SER A 126 3.68 32.67 0.15
C SER A 126 2.71 31.93 -0.79
N ILE A 127 3.10 30.74 -1.29
CA ILE A 127 2.27 29.98 -2.20
C ILE A 127 1.02 29.48 -1.47
N TYR A 128 1.13 29.38 -0.13
CA TYR A 128 0.08 28.88 0.72
C TYR A 128 -1.06 29.91 0.87
N ASP A 129 -0.99 31.03 0.14
CA ASP A 129 -1.99 32.08 0.22
C ASP A 129 -2.74 32.19 -1.10
N ILE A 130 -4.03 31.85 -1.10
CA ILE A 130 -4.84 32.08 -2.30
C ILE A 130 -5.62 33.37 -2.10
N TYR A 131 -5.46 34.31 -3.05
CA TYR A 131 -6.23 35.54 -3.10
C TYR A 131 -7.29 35.41 -4.18
N LEU A 132 -8.57 35.69 -3.85
CA LEU A 132 -9.73 35.48 -4.73
C LEU A 132 -10.29 36.78 -5.28
N GLU A 133 -10.82 36.73 -6.51
CA GLU A 133 -11.56 37.87 -7.06
C GLU A 133 -12.86 37.96 -6.26
N PRO A 134 -13.42 39.17 -6.00
CA PRO A 134 -14.39 39.34 -4.91
C PRO A 134 -15.82 38.86 -5.16
N ASN A 135 -16.03 38.12 -6.26
CA ASN A 135 -17.33 37.52 -6.57
C ASN A 135 -17.58 36.25 -5.76
N LYS A 136 -18.87 35.92 -5.58
CA LYS A 136 -19.29 34.87 -4.67
C LYS A 136 -19.11 33.49 -5.31
N ASN A 137 -19.29 33.39 -6.65
CA ASN A 137 -19.21 32.10 -7.32
C ASN A 137 -17.91 31.40 -6.97
N VAL A 138 -16.78 32.12 -7.03
CA VAL A 138 -15.48 31.49 -6.91
C VAL A 138 -15.15 31.25 -5.43
N LEU A 139 -15.72 32.05 -4.54
CA LEU A 139 -15.52 31.82 -3.12
C LEU A 139 -16.11 30.47 -2.71
N MET A 140 -17.28 30.12 -3.24
CA MET A 140 -17.96 28.87 -2.90
C MET A 140 -17.18 27.66 -3.45
N LYS A 141 -16.70 27.76 -4.69
CA LYS A 141 -15.80 26.75 -5.24
C LYS A 141 -14.61 26.55 -4.30
N PHE A 142 -14.06 27.66 -3.78
CA PHE A 142 -12.87 27.60 -2.97
C PHE A 142 -13.21 26.91 -1.64
N ALA A 143 -14.27 27.37 -1.01
CA ALA A 143 -14.65 26.84 0.29
C ALA A 143 -14.91 25.34 0.18
N VAL A 144 -15.68 24.96 -0.85
CA VAL A 144 -16.09 23.58 -1.00
C VAL A 144 -14.86 22.66 -1.01
N LEU A 145 -13.80 23.04 -1.74
CA LEU A 145 -12.57 22.27 -1.80
C LEU A 145 -11.53 22.70 -0.75
N TYR A 146 -11.93 23.54 0.21
CA TYR A 146 -11.10 23.69 1.38
C TYR A 146 -11.29 22.46 2.28
N LEU A 147 -10.58 21.40 1.93
CA LEU A 147 -10.81 20.12 2.57
C LEU A 147 -10.00 20.00 3.85
N PRO A 148 -10.40 19.15 4.81
CA PRO A 148 -9.58 18.83 5.97
C PRO A 148 -8.08 18.66 5.78
N GLU A 149 -7.66 18.04 4.68
CA GLU A 149 -6.25 17.75 4.47
C GLU A 149 -5.57 18.86 3.65
N SER A 150 -6.18 20.04 3.57
CA SER A 150 -5.59 21.18 2.87
C SER A 150 -4.37 21.68 3.62
N ASN A 151 -3.40 22.22 2.89
CA ASN A 151 -2.28 22.94 3.49
C ASN A 151 -2.44 24.44 3.25
N VAL A 152 -3.47 24.82 2.47
CA VAL A 152 -3.69 26.22 2.12
C VAL A 152 -4.13 27.00 3.34
N ASN A 153 -3.64 28.26 3.42
CA ASN A 153 -3.95 29.14 4.53
C ASN A 153 -5.36 29.72 4.39
N LEU A 154 -6.12 29.68 5.49
CA LEU A 154 -7.40 30.35 5.55
C LEU A 154 -7.54 31.02 6.91
N ASN A 155 -7.95 32.30 6.93
CA ASN A 155 -8.20 33.03 8.17
C ASN A 155 -9.69 33.26 8.37
N LEU A 156 -10.20 32.80 9.53
CA LEU A 156 -11.64 32.69 9.73
C LEU A 156 -12.29 34.07 9.85
N ASP A 157 -11.59 35.00 10.52
CA ASP A 157 -12.13 36.35 10.65
C ASP A 157 -12.31 36.95 9.25
N THR A 158 -11.32 36.77 8.39
CA THR A 158 -11.35 37.38 7.06
C THR A 158 -12.58 36.85 6.33
N MET A 159 -12.67 35.51 6.32
CA MET A 159 -13.74 34.76 5.67
C MET A 159 -15.08 35.12 6.28
N TRP A 160 -15.15 35.18 7.62
CA TRP A 160 -16.41 35.40 8.32
C TRP A 160 -17.01 36.78 7.98
N GLU A 161 -16.16 37.77 7.70
CA GLU A 161 -16.59 39.10 7.32
C GLU A 161 -17.08 39.12 5.86
N THR A 162 -16.49 38.26 5.02
CA THR A 162 -16.80 38.19 3.60
C THR A 162 -18.18 37.58 3.39
N ASP A 163 -18.50 36.50 4.11
CA ASP A 163 -19.79 35.84 3.99
C ASP A 163 -19.98 34.90 5.18
N LYS A 164 -20.75 35.34 6.17
CA LYS A 164 -21.06 34.53 7.34
C LYS A 164 -21.49 33.12 6.93
N ASN A 165 -22.34 33.05 5.89
CA ASN A 165 -23.03 31.82 5.54
C ASN A 165 -22.05 30.76 5.05
N ILE A 166 -21.19 31.14 4.09
CA ILE A 166 -20.20 30.21 3.58
C ILE A 166 -19.28 29.78 4.72
N CYS A 167 -18.70 30.76 5.42
CA CYS A 167 -17.73 30.48 6.46
C CYS A 167 -18.30 29.48 7.46
N GLY A 168 -19.58 29.68 7.80
CA GLY A 168 -20.25 28.79 8.73
C GLY A 168 -20.39 27.39 8.15
N SER A 169 -20.86 27.34 6.89
CA SER A 169 -21.02 26.09 6.16
C SER A 169 -19.70 25.29 6.14
N LEU A 170 -18.58 25.93 5.81
CA LEU A 170 -17.31 25.24 5.79
C LEU A 170 -16.92 24.74 7.20
N CYS A 171 -17.23 25.52 8.25
CA CYS A 171 -16.88 25.09 9.60
C CYS A 171 -17.69 23.85 9.93
N PHE A 172 -18.93 23.81 9.44
CA PHE A 172 -19.79 22.64 9.64
C PHE A 172 -19.12 21.46 8.95
N ALA A 173 -18.78 21.66 7.68
CA ALA A 173 -18.21 20.59 6.87
C ALA A 173 -16.98 19.99 7.58
N LEU A 174 -16.13 20.83 8.23
CA LEU A 174 -14.84 20.33 8.69
C LEU A 174 -15.00 19.59 10.01
N GLN A 175 -16.14 19.73 10.66
CA GLN A 175 -16.38 18.97 11.88
C GLN A 175 -17.09 17.66 11.54
N SER A 176 -17.51 17.52 10.27
CA SER A 176 -18.44 16.47 9.86
C SER A 176 -17.81 15.07 9.72
N PRO A 177 -16.54 14.88 9.29
CA PRO A 177 -15.99 13.53 9.09
C PRO A 177 -15.92 12.63 10.31
N ARG A 178 -16.07 11.32 10.08
CA ARG A 178 -15.95 10.35 11.17
C ARG A 178 -14.50 9.98 11.42
N PHE A 179 -13.60 10.49 10.58
CA PHE A 179 -12.17 10.45 10.82
C PHE A 179 -11.57 11.85 10.65
N ILE A 180 -11.21 12.48 11.78
CA ILE A 180 -10.58 13.79 11.81
C ILE A 180 -9.36 13.65 12.69
N GLY A 181 -8.35 12.95 12.17
CA GLY A 181 -7.24 12.44 12.98
C GLY A 181 -5.86 12.96 12.56
N THR A 182 -5.70 13.24 11.27
CA THR A 182 -4.45 13.71 10.72
C THR A 182 -4.17 15.07 11.32
N PRO A 183 -2.89 15.47 11.45
CA PRO A 183 -2.57 16.78 12.01
C PRO A 183 -3.30 17.92 11.30
N ALA A 184 -3.43 17.85 9.98
CA ALA A 184 -4.08 18.91 9.24
C ALA A 184 -5.59 18.98 9.57
N ALA A 185 -6.26 17.82 9.63
CA ALA A 185 -7.69 17.77 9.93
C ALA A 185 -7.96 18.15 11.40
N PHE A 186 -7.18 17.59 12.33
CA PHE A 186 -7.46 17.70 13.75
C PHE A 186 -7.28 19.13 14.25
N SER A 187 -6.41 19.84 13.53
CA SER A 187 -6.00 21.19 13.86
C SER A 187 -6.99 22.17 13.27
N LYS A 188 -7.45 21.88 12.05
CA LYS A 188 -8.57 22.61 11.50
C LYS A 188 -9.73 22.54 12.50
N ARG A 189 -10.03 21.36 13.05
CA ARG A 189 -11.19 21.21 13.93
C ARG A 189 -10.93 21.84 15.31
N SER A 190 -9.75 21.62 15.93
CA SER A 190 -9.40 22.25 17.20
C SER A 190 -9.72 23.74 17.16
N THR A 191 -9.23 24.40 16.11
CA THR A 191 -9.39 25.83 15.91
C THR A 191 -10.87 26.22 15.86
N ILE A 192 -11.66 25.45 15.10
CA ILE A 192 -13.08 25.69 14.89
C ILE A 192 -13.80 25.65 16.23
N LEU A 193 -13.43 24.69 17.10
CA LEU A 193 -14.10 24.49 18.37
C LEU A 193 -13.92 25.68 19.31
N GLN A 194 -12.78 26.38 19.21
CA GLN A 194 -12.50 27.58 19.98
C GLN A 194 -13.16 28.80 19.34
N TRP A 195 -13.06 28.93 18.00
CA TRP A 195 -13.42 30.14 17.27
C TRP A 195 -14.91 30.25 16.89
N PHE A 196 -15.54 29.11 16.53
CA PHE A 196 -16.82 29.09 15.84
C PHE A 196 -18.01 29.33 16.75
N PRO A 197 -18.08 28.76 17.99
CA PRO A 197 -19.28 28.89 18.82
C PRO A 197 -19.82 30.33 18.94
N ALA A 198 -18.93 31.31 19.19
CA ALA A 198 -19.29 32.73 19.17
C ALA A 198 -20.01 33.14 17.90
N LYS A 199 -19.50 32.71 16.73
CA LYS A 199 -20.05 33.08 15.44
C LYS A 199 -21.32 32.29 15.15
N LEU A 200 -21.46 31.10 15.75
CA LEU A 200 -22.60 30.24 15.47
C LEU A 200 -23.86 30.74 16.18
N GLU A 201 -23.73 31.14 17.46
CA GLU A 201 -24.80 31.79 18.21
C GLU A 201 -25.56 32.79 17.34
N GLN A 202 -24.85 33.53 16.50
CA GLN A 202 -25.43 34.67 15.78
C GLN A 202 -26.42 34.24 14.68
N PHE A 203 -26.50 32.94 14.37
CA PHE A 203 -27.45 32.47 13.37
C PHE A 203 -28.85 32.32 13.96
N HIS A 204 -29.85 32.71 13.18
CA HIS A 204 -31.24 32.65 13.61
C HIS A 204 -31.85 31.31 13.20
N VAL A 205 -31.27 30.66 12.17
CA VAL A 205 -31.90 29.57 11.43
C VAL A 205 -30.84 28.63 10.89
N LEU A 206 -31.23 27.40 10.50
CA LEU A 206 -30.34 26.46 9.81
C LEU A 206 -30.52 26.55 8.29
N ASP A 207 -31.42 27.45 7.87
CA ASP A 207 -31.79 27.64 6.47
C ASP A 207 -30.53 27.76 5.60
N ASP A 208 -29.49 28.47 6.04
CA ASP A 208 -28.39 28.80 5.13
C ASP A 208 -27.14 27.95 5.40
N LEU A 209 -27.27 26.93 6.26
CA LEU A 209 -26.16 26.07 6.65
C LEU A 209 -26.43 24.65 6.14
N PRO A 210 -25.45 23.74 6.24
CA PRO A 210 -25.68 22.33 5.91
C PRO A 210 -26.34 21.64 7.10
N SER A 211 -27.67 21.85 7.18
CA SER A 211 -28.51 21.37 8.26
C SER A 211 -28.31 19.87 8.50
N ASN A 212 -28.18 19.10 7.40
CA ASN A 212 -28.19 17.65 7.44
C ASN A 212 -26.93 17.03 8.05
N ILE A 213 -25.85 17.79 8.28
CA ILE A 213 -24.73 17.25 9.05
C ILE A 213 -24.63 17.89 10.43
N SER A 214 -25.68 18.58 10.87
CA SER A 214 -25.69 19.22 12.18
C SER A 214 -25.35 18.23 13.28
N HIS A 215 -25.87 17.02 13.16
CA HIS A 215 -25.82 16.12 14.30
C HIS A 215 -24.40 15.60 14.41
N ASP A 216 -23.73 15.49 13.25
CA ASP A 216 -22.32 15.12 13.20
C ASP A 216 -21.51 16.18 13.95
N VAL A 217 -21.88 17.45 13.76
CA VAL A 217 -21.19 18.56 14.41
C VAL A 217 -21.25 18.36 15.92
N TYR A 218 -22.48 18.10 16.40
CA TYR A 218 -22.82 17.96 17.81
C TYR A 218 -22.04 16.82 18.45
N MET A 219 -21.97 15.68 17.74
CA MET A 219 -21.36 14.50 18.34
C MET A 219 -19.84 14.64 18.32
N HIS A 220 -19.28 15.18 17.23
CA HIS A 220 -17.87 14.94 16.93
C HIS A 220 -16.94 15.80 17.80
N CYS A 221 -17.46 16.90 18.37
CA CYS A 221 -16.62 17.75 19.19
C CYS A 221 -16.09 17.02 20.43
N SER A 222 -16.73 15.92 20.83
CA SER A 222 -16.31 15.17 22.01
C SER A 222 -14.98 14.43 21.77
N TYR A 223 -14.51 14.43 20.52
CA TYR A 223 -13.28 13.75 20.16
C TYR A 223 -12.09 14.72 20.08
N ASP A 224 -12.29 16.04 20.25
CA ASP A 224 -11.16 16.95 20.47
C ASP A 224 -10.60 16.67 21.86
N THR A 225 -9.58 17.45 22.25
CA THR A 225 -8.86 17.28 23.49
C THR A 225 -9.06 18.48 24.42
N ALA A 226 -9.65 19.57 23.88
CA ALA A 226 -9.84 20.80 24.62
C ALA A 226 -10.82 20.59 25.78
N GLU A 227 -10.50 21.19 26.94
CA GLU A 227 -11.35 21.11 28.11
C GLU A 227 -12.76 21.55 27.74
N ASN A 228 -12.87 22.57 26.89
CA ASN A 228 -14.11 23.25 26.58
C ASN A 228 -14.61 22.90 25.17
N LYS A 229 -14.37 21.67 24.72
CA LYS A 229 -14.71 21.26 23.37
C LYS A 229 -16.21 21.34 23.11
N HIS A 230 -17.03 21.07 24.16
CA HIS A 230 -18.47 20.95 23.95
C HIS A 230 -19.16 22.29 23.71
N ASN A 231 -18.45 23.41 23.83
CA ASN A 231 -19.05 24.73 23.66
C ASN A 231 -19.88 24.80 22.38
N VAL A 232 -19.42 24.22 21.27
CA VAL A 232 -20.17 24.34 20.02
C VAL A 232 -21.60 23.78 20.18
N LYS A 233 -21.80 22.84 21.13
CA LYS A 233 -23.10 22.23 21.35
C LYS A 233 -24.07 23.26 21.93
N LYS A 234 -23.60 24.15 22.81
CA LYS A 234 -24.43 25.23 23.34
C LYS A 234 -24.86 26.13 22.18
N ALA A 235 -23.89 26.58 21.40
CA ALA A 235 -24.17 27.53 20.34
C ALA A 235 -25.18 26.93 19.37
N LEU A 236 -25.09 25.62 19.13
CA LEU A 236 -25.93 24.95 18.15
C LEU A 236 -27.35 24.78 18.70
N ASN A 237 -27.45 24.37 19.97
CA ASN A 237 -28.70 24.36 20.71
C ASN A 237 -29.48 25.65 20.49
N GLN A 238 -28.86 26.82 20.75
CA GLN A 238 -29.51 28.12 20.59
C GLN A 238 -30.06 28.30 19.18
N VAL A 239 -29.23 28.00 18.16
CA VAL A 239 -29.64 28.16 16.78
C VAL A 239 -30.82 27.23 16.49
N ILE A 240 -30.74 25.99 16.96
CA ILE A 240 -31.79 25.02 16.70
C ILE A 240 -33.09 25.51 17.34
N ARG A 241 -33.00 25.92 18.62
CA ARG A 241 -34.10 26.47 19.39
C ARG A 241 -34.73 27.64 18.64
N SER A 242 -33.92 28.67 18.34
CA SER A 242 -34.32 29.77 17.48
C SER A 242 -35.06 29.26 16.24
N HIS A 243 -34.49 28.27 15.52
CA HIS A 243 -35.03 27.76 14.26
C HIS A 243 -36.39 27.08 14.47
N LEU A 244 -36.55 26.48 15.67
CA LEU A 244 -37.74 25.74 16.08
C LEU A 244 -38.92 26.69 16.27
N LEU A 245 -38.67 27.83 16.97
CA LEU A 245 -39.67 28.86 17.27
C LEU A 245 -40.11 29.58 15.99
N LYS A 246 -39.19 29.84 15.04
CA LYS A 246 -39.55 30.48 13.77
C LYS A 246 -40.45 29.55 12.97
N CYS A 247 -40.40 28.25 13.28
CA CYS A 247 -41.22 27.26 12.61
C CYS A 247 -42.64 27.28 13.20
N GLY A 248 -42.82 27.99 14.30
CA GLY A 248 -44.10 28.01 15.01
C GLY A 248 -44.19 26.78 15.90
N TRP A 249 -43.32 26.74 16.89
CA TRP A 249 -43.35 25.68 17.89
C TRP A 249 -44.00 26.27 19.12
N GLN A 250 -44.95 25.54 19.72
CA GLN A 250 -45.44 25.93 21.04
C GLN A 250 -44.97 24.87 22.04
N ASP A 251 -44.11 25.30 22.98
CA ASP A 251 -43.75 24.46 24.11
C ASP A 251 -45.02 23.87 24.75
N ARG A 252 -44.99 22.57 25.04
CA ARG A 252 -46.15 21.89 25.61
C ARG A 252 -46.42 22.49 26.98
N GLN A 253 -47.71 22.72 27.29
CA GLN A 253 -48.18 23.35 28.52
C GLN A 253 -48.28 22.32 29.65
N ILE A 254 -47.60 22.58 30.79
CA ILE A 254 -47.53 21.60 31.86
C ILE A 254 -48.69 21.81 32.85
N THR A 255 -49.69 20.90 32.81
CA THR A 255 -50.96 21.07 33.54
C THR A 255 -51.20 19.87 34.47
N GLN A 256 -51.50 18.70 33.90
CA GLN A 256 -51.90 17.54 34.67
C GLN A 256 -50.74 16.53 34.65
N ILE A 257 -50.91 15.35 35.28
CA ILE A 257 -49.95 14.24 35.18
C ILE A 257 -50.73 12.94 35.00
N GLY A 258 -50.90 12.51 33.74
CA GLY A 258 -51.65 11.30 33.42
C GLY A 258 -51.03 10.06 34.06
N MET A 259 -51.89 9.15 34.55
CA MET A 259 -51.47 7.85 35.06
C MET A 259 -51.93 6.78 34.07
N ARG A 260 -51.27 5.62 34.10
CA ARG A 260 -51.76 4.45 33.40
C ARG A 260 -51.46 3.22 34.25
N ASN A 261 -52.51 2.48 34.61
CA ASN A 261 -52.38 1.31 35.45
C ASN A 261 -51.62 1.70 36.73
N GLY A 262 -51.95 2.89 37.24
CA GLY A 262 -51.42 3.39 38.49
C GLY A 262 -50.29 4.39 38.25
N LYS A 263 -49.27 3.89 37.52
CA LYS A 263 -47.98 4.52 37.36
C LYS A 263 -48.06 5.66 36.35
N PRO A 264 -47.27 6.76 36.54
CA PRO A 264 -47.21 7.85 35.56
C PRO A 264 -46.49 7.42 34.27
N VAL A 265 -46.62 8.27 33.25
CA VAL A 265 -46.22 7.91 31.90
C VAL A 265 -44.82 8.47 31.61
N MET A 266 -43.92 7.60 31.10
CA MET A 266 -42.60 7.98 30.60
C MET A 266 -42.52 7.76 29.09
N VAL A 267 -42.23 8.83 28.35
CA VAL A 267 -42.01 8.77 26.91
C VAL A 267 -40.51 8.62 26.62
N VAL A 268 -40.15 7.54 25.92
CA VAL A 268 -38.76 7.28 25.54
C VAL A 268 -38.59 7.49 24.04
N VAL A 269 -37.76 8.49 23.68
CA VAL A 269 -37.44 8.81 22.30
C VAL A 269 -36.11 8.14 21.96
N LEU A 270 -36.14 7.23 20.97
CA LEU A 270 -35.01 6.39 20.61
C LEU A 270 -34.33 6.88 19.33
N GLU A 271 -33.00 6.68 19.24
CA GLU A 271 -32.29 6.98 18.01
C GLU A 271 -32.06 5.68 17.24
N HIS A 272 -31.09 4.87 17.67
CA HIS A 272 -30.73 3.66 16.96
C HIS A 272 -30.91 2.51 17.92
N PHE A 273 -32.12 1.94 17.95
CA PHE A 273 -32.46 0.90 18.91
C PHE A 273 -32.85 -0.38 18.18
N HIS A 274 -31.88 -1.26 17.93
CA HIS A 274 -32.13 -2.62 17.53
C HIS A 274 -31.53 -3.45 18.66
N SER A 275 -31.91 -4.71 18.81
CA SER A 275 -31.37 -5.51 19.90
C SER A 275 -29.89 -5.80 19.67
N SER A 276 -29.41 -5.53 18.45
CA SER A 276 -28.00 -5.71 18.09
C SER A 276 -27.13 -4.48 18.38
N HIS A 277 -27.72 -3.27 18.37
CA HIS A 277 -27.01 -2.04 18.69
C HIS A 277 -26.71 -2.04 20.19
N SER A 278 -25.68 -1.27 20.61
CA SER A 278 -25.21 -1.31 22.00
C SER A 278 -26.09 -0.46 22.91
N ILE A 279 -26.91 0.41 22.32
CA ILE A 279 -27.85 1.20 23.08
C ILE A 279 -28.80 0.26 23.83
N TYR A 280 -29.12 -0.90 23.22
CA TYR A 280 -29.96 -1.92 23.85
C TYR A 280 -29.17 -2.67 24.91
N ARG A 281 -28.01 -3.17 24.51
CA ARG A 281 -27.19 -4.00 25.37
C ARG A 281 -26.89 -3.30 26.71
N THR A 282 -26.94 -1.96 26.76
CA THR A 282 -26.59 -1.22 27.97
C THR A 282 -27.82 -0.74 28.73
N HIS A 283 -28.74 -0.06 28.04
CA HIS A 283 -29.78 0.74 28.69
C HIS A 283 -31.18 0.15 28.52
N SER A 284 -31.33 -1.14 28.13
CA SER A 284 -32.63 -1.77 27.97
C SER A 284 -33.13 -2.37 29.29
N THR A 285 -32.18 -2.91 30.06
CA THR A 285 -32.44 -3.59 31.32
C THR A 285 -32.98 -2.59 32.34
N SER A 286 -32.38 -1.38 32.37
CA SER A 286 -32.80 -0.35 33.31
C SER A 286 -34.18 0.16 32.94
N MET A 287 -34.53 0.04 31.65
CA MET A 287 -35.80 0.56 31.15
C MET A 287 -36.94 -0.36 31.58
N ILE A 288 -36.72 -1.69 31.53
CA ILE A 288 -37.74 -2.66 31.94
C ILE A 288 -37.95 -2.55 33.46
N ALA A 289 -36.84 -2.36 34.19
CA ALA A 289 -36.86 -2.23 35.64
C ALA A 289 -37.57 -0.95 36.08
N ALA A 290 -38.00 -0.12 35.12
CA ALA A 290 -38.69 1.11 35.42
C ALA A 290 -40.16 1.03 35.00
N ARG A 291 -40.58 -0.08 34.35
CA ARG A 291 -42.00 -0.33 34.08
C ARG A 291 -42.75 -0.68 35.36
N GLU A 292 -42.03 -1.09 36.42
CA GLU A 292 -42.64 -1.33 37.71
C GLU A 292 -42.95 0.00 38.40
N GLN A 293 -42.23 1.06 38.01
CA GLN A 293 -42.42 2.39 38.57
C GLN A 293 -43.20 3.30 37.61
N PHE A 294 -43.10 3.04 36.29
CA PHE A 294 -43.69 3.90 35.27
C PHE A 294 -44.41 3.08 34.19
N TYR A 295 -45.15 3.80 33.34
CA TYR A 295 -45.66 3.26 32.09
C TYR A 295 -44.85 3.80 30.92
N LEU A 296 -44.28 2.91 30.08
CA LEU A 296 -43.31 3.32 29.06
C LEU A 296 -43.89 3.30 27.65
N ILE A 297 -44.00 4.50 27.07
CA ILE A 297 -44.25 4.66 25.65
C ILE A 297 -42.91 4.90 24.95
N GLY A 298 -42.47 3.94 24.12
CA GLY A 298 -41.26 4.09 23.32
C GLY A 298 -41.54 4.52 21.87
N LEU A 299 -40.94 5.64 21.45
CA LEU A 299 -41.07 6.14 20.08
C LEU A 299 -39.74 5.94 19.34
N GLY A 300 -39.73 4.98 18.41
CA GLY A 300 -38.58 4.68 17.58
C GLY A 300 -38.93 4.78 16.10
N ASN A 301 -38.18 4.08 15.24
CA ASN A 301 -38.45 4.04 13.81
C ASN A 301 -38.68 2.58 13.41
N ASN A 302 -39.02 2.38 12.13
CA ASN A 302 -39.20 1.09 11.50
C ASN A 302 -38.10 0.10 11.90
N ALA A 303 -36.83 0.55 11.81
CA ALA A 303 -35.65 -0.30 11.97
C ALA A 303 -35.70 -1.20 13.21
N VAL A 304 -36.33 -0.70 14.28
CA VAL A 304 -36.37 -1.38 15.58
C VAL A 304 -37.04 -2.74 15.45
N ASP A 305 -36.32 -3.81 15.77
CA ASP A 305 -36.85 -5.16 15.70
C ASP A 305 -37.79 -5.43 16.87
N GLN A 306 -38.39 -6.64 16.88
CA GLN A 306 -39.38 -7.06 17.84
C GLN A 306 -38.89 -6.93 19.28
N ALA A 307 -37.75 -7.59 19.55
CA ALA A 307 -37.14 -7.63 20.88
C ALA A 307 -36.88 -6.22 21.41
N GLY A 308 -36.73 -5.25 20.49
CA GLY A 308 -36.51 -3.86 20.86
C GLY A 308 -37.78 -3.17 21.36
N ARG A 309 -38.90 -3.46 20.70
CA ARG A 309 -40.16 -2.80 21.02
C ARG A 309 -40.74 -3.39 22.31
N ASP A 310 -40.37 -4.66 22.58
CA ASP A 310 -40.87 -5.41 23.72
C ASP A 310 -40.28 -4.92 25.03
N VAL A 311 -39.52 -3.82 25.03
CA VAL A 311 -38.99 -3.30 26.29
C VAL A 311 -39.88 -2.15 26.74
N PHE A 312 -41.00 -1.94 26.02
CA PHE A 312 -41.92 -0.83 26.29
C PHE A 312 -43.31 -1.38 26.59
N ASP A 313 -44.00 -0.71 27.51
CA ASP A 313 -45.40 -1.05 27.71
C ASP A 313 -46.10 -0.89 26.36
N GLU A 314 -45.62 0.03 25.52
CA GLU A 314 -46.07 0.07 24.12
C GLU A 314 -45.15 0.94 23.25
N PHE A 315 -44.99 0.52 21.98
CA PHE A 315 -44.02 1.12 21.06
C PHE A 315 -44.70 1.64 19.80
N HIS A 316 -44.35 2.90 19.44
CA HIS A 316 -44.87 3.59 18.27
C HIS A 316 -43.75 3.93 17.29
N GLU A 317 -44.04 3.85 15.98
CA GLU A 317 -43.07 4.18 14.94
C GLU A 317 -43.09 5.67 14.64
N PHE A 318 -41.90 6.26 14.42
CA PHE A 318 -41.79 7.61 13.92
C PHE A 318 -42.07 7.58 12.42
N ASP A 319 -42.87 8.55 11.98
CA ASP A 319 -43.40 8.63 10.62
C ASP A 319 -42.47 9.46 9.71
N GLY A 320 -41.26 8.92 9.42
CA GLY A 320 -40.44 9.36 8.30
C GLY A 320 -39.26 10.23 8.71
N SER A 321 -38.85 11.15 7.81
CA SER A 321 -37.66 11.97 7.97
C SER A 321 -37.94 13.38 8.49
N ASN A 322 -39.17 13.92 8.28
CA ASN A 322 -39.53 15.31 8.59
C ASN A 322 -39.47 15.54 10.10
N ILE A 323 -38.62 16.48 10.53
CA ILE A 323 -38.33 16.69 11.95
C ILE A 323 -39.56 17.29 12.65
N LEU A 324 -40.16 18.31 12.03
CA LEU A 324 -41.32 18.99 12.59
C LEU A 324 -42.46 17.99 12.82
N LYS A 325 -42.74 17.11 11.84
CA LYS A 325 -43.69 16.04 12.04
C LYS A 325 -43.29 15.13 13.20
N LYS A 326 -42.02 14.73 13.29
CA LYS A 326 -41.58 13.89 14.38
C LYS A 326 -41.89 14.57 15.71
N LEU A 327 -41.80 15.91 15.77
CA LEU A 327 -42.03 16.65 17.02
C LEU A 327 -43.52 16.83 17.29
N ALA A 328 -44.31 17.04 16.23
CA ALA A 328 -45.75 17.05 16.30
C ALA A 328 -46.27 15.73 16.88
N PHE A 329 -45.81 14.59 16.33
CA PHE A 329 -46.21 13.27 16.80
C PHE A 329 -45.85 13.08 18.28
N LEU A 330 -44.80 13.76 18.75
CA LEU A 330 -44.32 13.59 20.12
C LEU A 330 -45.08 14.53 21.07
N LYS A 331 -45.46 15.71 20.57
CA LYS A 331 -46.20 16.68 21.37
C LYS A 331 -47.56 16.11 21.72
N GLU A 332 -48.30 15.67 20.68
CA GLU A 332 -49.62 15.10 20.88
C GLU A 332 -49.55 13.82 21.72
N MET A 333 -48.45 13.08 21.61
CA MET A 333 -48.26 11.87 22.40
C MET A 333 -48.06 12.21 23.88
N CYS A 334 -47.53 13.40 24.16
CA CYS A 334 -47.23 13.80 25.52
C CYS A 334 -48.39 14.56 26.15
N GLU A 335 -49.17 15.26 25.31
CA GLU A 335 -50.38 15.94 25.75
C GLU A 335 -51.46 14.89 26.08
N LYS A 336 -51.62 13.90 25.18
CA LYS A 336 -52.59 12.82 25.33
C LYS A 336 -52.30 11.91 26.52
N ASN A 337 -51.16 12.10 27.18
CA ASN A 337 -50.80 11.28 28.32
C ASN A 337 -50.34 12.18 29.46
N ASP A 338 -50.55 13.50 29.33
CA ASP A 338 -49.97 14.48 30.24
C ASP A 338 -48.67 13.88 30.81
N ALA A 339 -47.78 13.48 29.91
CA ALA A 339 -46.62 12.65 30.24
C ALA A 339 -45.77 13.34 31.30
N ALA A 340 -45.06 12.52 32.10
CA ALA A 340 -44.31 13.02 33.24
C ALA A 340 -42.82 13.15 32.93
N VAL A 341 -42.27 12.13 32.25
CA VAL A 341 -40.84 12.00 32.05
C VAL A 341 -40.54 11.71 30.58
N LEU A 342 -39.62 12.50 30.01
CA LEU A 342 -39.01 12.24 28.69
C LEU A 342 -37.58 11.74 28.92
N TYR A 343 -37.31 10.51 28.45
CA TYR A 343 -36.01 9.86 28.54
C TYR A 343 -35.51 9.61 27.12
N MET A 344 -34.31 10.13 26.83
CA MET A 344 -33.58 9.76 25.64
C MET A 344 -32.30 9.06 26.09
N PRO A 345 -32.13 7.74 25.89
CA PRO A 345 -30.90 7.05 26.31
C PRO A 345 -29.65 7.42 25.49
N SER A 346 -29.83 7.80 24.20
CA SER A 346 -28.81 8.46 23.41
C SER A 346 -29.37 9.78 22.89
N ILE A 347 -28.57 10.85 22.95
CA ILE A 347 -28.85 12.05 22.18
C ILE A 347 -27.63 12.49 21.37
N GLY A 348 -27.86 12.66 20.06
CA GLY A 348 -26.81 13.09 19.12
C GLY A 348 -26.82 12.35 17.78
N MET A 349 -27.16 11.05 17.82
CA MET A 349 -27.04 10.20 16.65
C MET A 349 -28.05 10.59 15.59
N ASP A 350 -29.21 11.12 16.00
CA ASP A 350 -30.21 11.60 15.07
C ASP A 350 -30.39 13.10 15.30
N LEU A 351 -30.54 13.88 14.23
CA LEU A 351 -30.69 15.32 14.41
C LEU A 351 -31.99 15.62 15.16
N ALA A 352 -33.08 14.91 14.83
CA ALA A 352 -34.40 15.20 15.38
C ALA A 352 -34.38 15.11 16.91
N THR A 353 -33.53 14.27 17.48
CA THR A 353 -33.35 14.18 18.91
C THR A 353 -32.72 15.42 19.53
N ILE A 354 -31.86 16.10 18.77
CA ILE A 354 -31.25 17.32 19.25
C ILE A 354 -32.33 18.43 19.26
N PHE A 355 -33.22 18.43 18.26
CA PHE A 355 -34.32 19.39 18.24
C PHE A 355 -35.24 19.16 19.44
N VAL A 356 -35.54 17.89 19.74
CA VAL A 356 -36.31 17.51 20.91
C VAL A 356 -35.64 18.04 22.19
N SER A 357 -34.31 17.94 22.29
CA SER A 357 -33.59 18.30 23.49
C SER A 357 -33.71 19.79 23.80
N ASN A 358 -34.20 20.57 22.82
CA ASN A 358 -34.34 22.02 22.91
C ASN A 358 -35.81 22.43 22.94
N ALA A 359 -36.67 21.64 23.63
CA ALA A 359 -38.08 21.95 23.78
C ALA A 359 -38.64 21.23 24.99
N ARG A 360 -39.90 21.55 25.31
CA ARG A 360 -40.57 21.08 26.52
C ARG A 360 -41.71 20.12 26.18
N PHE A 361 -41.57 18.86 26.59
CA PHE A 361 -42.54 17.81 26.32
C PHE A 361 -42.96 17.13 27.62
N ALA A 362 -42.32 17.55 28.70
CA ALA A 362 -42.46 16.86 29.97
C ALA A 362 -41.74 17.70 31.01
N PRO A 363 -42.20 17.62 32.28
CA PRO A 363 -41.57 18.36 33.37
C PRO A 363 -40.24 17.80 33.89
N ILE A 364 -40.00 16.50 33.63
CA ILE A 364 -38.71 15.88 33.91
C ILE A 364 -38.14 15.29 32.61
N GLN A 365 -37.19 16.00 32.00
CA GLN A 365 -36.52 15.53 30.79
C GLN A 365 -35.10 15.10 31.13
N VAL A 366 -34.79 13.84 30.80
CA VAL A 366 -33.56 13.17 31.17
C VAL A 366 -32.91 12.55 29.92
N ILE A 367 -31.57 12.52 29.89
CA ILE A 367 -30.82 11.76 28.89
C ILE A 367 -29.93 10.74 29.58
N ALA A 368 -29.43 9.80 28.79
CA ALA A 368 -28.31 8.97 29.19
C ALA A 368 -27.18 9.12 28.17
N LEU A 369 -26.16 8.28 28.30
CA LEU A 369 -24.87 8.56 27.71
C LEU A 369 -24.52 7.52 26.63
N GLY A 370 -25.54 7.04 25.93
CA GLY A 370 -25.34 6.37 24.65
C GLY A 370 -24.29 7.08 23.81
N HIS A 371 -24.40 8.42 23.74
CA HIS A 371 -23.27 9.27 23.38
C HIS A 371 -22.84 10.07 24.61
N PRO A 372 -21.68 9.71 25.21
CA PRO A 372 -21.28 10.21 26.53
C PRO A 372 -20.70 11.62 26.58
N ALA A 373 -21.58 12.59 26.37
CA ALA A 373 -21.25 14.00 26.41
C ALA A 373 -22.47 14.82 26.83
N THR A 374 -22.22 15.89 27.60
CA THR A 374 -23.23 16.86 27.99
C THR A 374 -24.00 17.39 26.77
N THR A 375 -25.10 18.10 27.00
CA THR A 375 -25.92 18.66 25.93
C THR A 375 -25.88 20.19 25.85
N HIS A 376 -25.53 20.84 26.97
CA HIS A 376 -25.55 22.29 27.09
C HIS A 376 -26.92 22.84 26.70
N SER A 377 -27.99 22.04 26.91
CA SER A 377 -29.36 22.47 26.68
C SER A 377 -30.06 22.77 28.00
N GLU A 378 -30.79 23.90 28.06
CA GLU A 378 -31.52 24.29 29.26
C GLU A 378 -32.73 23.36 29.53
N PHE A 379 -33.33 22.82 28.46
CA PHE A 379 -34.53 22.01 28.56
C PHE A 379 -34.21 20.55 28.92
N ILE A 380 -33.02 20.31 29.47
CA ILE A 380 -32.64 18.96 29.88
C ILE A 380 -32.09 19.03 31.30
N GLU A 381 -32.76 18.32 32.21
CA GLU A 381 -32.55 18.52 33.64
C GLU A 381 -31.47 17.57 34.14
N TYR A 382 -31.60 16.28 33.82
CA TYR A 382 -30.79 15.26 34.46
C TYR A 382 -30.11 14.33 33.43
N VAL A 383 -29.10 13.59 33.92
CA VAL A 383 -28.33 12.65 33.14
C VAL A 383 -28.18 11.35 33.94
N ILE A 384 -28.63 10.24 33.39
CA ILE A 384 -28.43 8.93 33.99
C ILE A 384 -27.00 8.48 33.72
N VAL A 385 -26.31 8.00 34.75
CA VAL A 385 -24.93 7.54 34.60
C VAL A 385 -24.48 6.74 35.83
N GLU A 386 -23.73 5.65 35.58
CA GLU A 386 -23.14 4.85 36.64
C GLU A 386 -22.08 5.70 37.36
N ASP A 387 -21.98 5.55 38.68
CA ASP A 387 -21.22 6.47 39.51
C ASP A 387 -19.72 6.33 39.26
N ASP A 388 -19.24 5.09 39.01
CA ASP A 388 -17.82 4.83 38.86
C ASP A 388 -17.30 5.33 37.52
N TYR A 389 -18.21 5.84 36.67
CA TYR A 389 -17.89 6.30 35.32
C TYR A 389 -17.77 7.82 35.28
N VAL A 390 -17.77 8.50 36.44
CA VAL A 390 -17.80 9.96 36.47
C VAL A 390 -16.46 10.51 36.93
N GLY A 391 -16.01 11.57 36.24
CA GLY A 391 -14.86 12.37 36.61
C GLY A 391 -15.32 13.62 37.35
N SER A 392 -15.24 14.78 36.67
CA SER A 392 -15.87 16.01 37.14
C SER A 392 -17.32 16.08 36.68
N GLU A 393 -18.18 16.63 37.54
CA GLU A 393 -19.56 16.92 37.19
C GLU A 393 -19.64 18.24 36.43
N SER A 394 -18.53 19.00 36.42
CA SER A 394 -18.46 20.31 35.81
C SER A 394 -18.44 20.18 34.29
N CYS A 395 -18.12 18.98 33.83
CA CYS A 395 -18.14 18.60 32.44
C CYS A 395 -19.55 18.58 31.85
N PHE A 396 -20.59 18.72 32.70
CA PHE A 396 -21.98 18.59 32.29
C PHE A 396 -22.83 19.77 32.78
N SER A 397 -23.69 20.30 31.88
CA SER A 397 -24.58 21.40 32.19
C SER A 397 -25.80 20.91 32.97
N GLU A 398 -26.08 19.61 32.85
CA GLU A 398 -27.22 18.99 33.52
C GLU A 398 -26.76 18.55 34.91
N THR A 399 -27.68 17.92 35.66
CA THR A 399 -27.40 17.39 36.98
C THR A 399 -27.29 15.87 36.90
N LEU A 400 -26.19 15.33 37.42
CA LEU A 400 -25.88 13.92 37.23
C LEU A 400 -26.58 13.08 38.30
N LEU A 401 -27.56 12.29 37.87
CA LEU A 401 -28.14 11.26 38.72
C LEU A 401 -27.19 10.08 38.77
N ARG A 402 -26.29 10.07 39.77
CA ARG A 402 -25.25 9.06 39.87
C ARG A 402 -25.84 7.79 40.50
N LEU A 403 -25.91 6.71 39.72
CA LEU A 403 -26.46 5.44 40.14
C LEU A 403 -25.36 4.53 40.67
N PRO A 404 -25.68 3.44 41.40
CA PRO A 404 -24.68 2.46 41.80
C PRO A 404 -24.11 1.84 40.54
N LYS A 405 -23.07 1.01 40.71
CA LYS A 405 -22.29 0.50 39.59
C LYS A 405 -23.05 -0.59 38.85
N ASP A 406 -24.02 -1.22 39.53
CA ASP A 406 -24.72 -2.38 38.99
C ASP A 406 -26.01 -1.96 38.29
N ALA A 407 -26.47 -0.72 38.54
CA ALA A 407 -27.80 -0.27 38.15
C ALA A 407 -28.11 -0.52 36.67
N LEU A 408 -27.05 -0.56 35.82
CA LEU A 408 -27.19 -0.72 34.38
C LEU A 408 -26.53 -2.03 33.94
N PRO A 409 -27.20 -3.18 34.14
CA PRO A 409 -26.64 -4.46 33.73
C PRO A 409 -26.71 -4.60 32.21
N TYR A 410 -25.63 -5.13 31.61
CA TYR A 410 -25.56 -5.30 30.17
C TYR A 410 -26.11 -6.66 29.78
N VAL A 411 -27.01 -6.68 28.80
CA VAL A 411 -27.34 -7.93 28.12
C VAL A 411 -26.23 -8.19 27.09
N PRO A 412 -25.59 -9.38 27.10
CA PRO A 412 -24.50 -9.67 26.16
C PRO A 412 -25.04 -9.70 24.75
N SER A 413 -24.14 -9.62 23.77
CA SER A 413 -24.53 -9.84 22.39
C SER A 413 -24.72 -11.32 22.13
N SER A 414 -25.70 -11.66 21.27
CA SER A 414 -25.92 -13.03 20.85
C SER A 414 -25.14 -13.31 19.56
N LEU A 415 -24.03 -12.59 19.38
CA LEU A 415 -22.93 -12.95 18.47
C LEU A 415 -21.67 -13.28 19.28
N ALA A 416 -21.72 -13.05 20.60
CA ALA A 416 -20.59 -13.23 21.49
C ALA A 416 -20.11 -14.68 21.47
N PRO A 417 -18.80 -14.95 21.36
CA PRO A 417 -18.32 -16.32 21.19
C PRO A 417 -18.38 -16.99 22.55
N THR A 418 -18.57 -18.33 22.54
CA THR A 418 -18.62 -19.09 23.77
C THR A 418 -17.40 -20.01 23.85
N ASP A 419 -17.07 -20.76 22.79
CA ASP A 419 -15.78 -21.40 22.71
C ASP A 419 -14.78 -20.36 22.22
N VAL A 420 -14.08 -19.73 23.18
CA VAL A 420 -12.95 -18.87 22.90
C VAL A 420 -11.66 -19.58 23.31
N GLN A 421 -10.72 -19.65 22.38
CA GLN A 421 -9.40 -20.21 22.62
C GLN A 421 -8.45 -19.07 22.99
N TYR A 422 -7.62 -19.30 24.02
CA TYR A 422 -6.77 -18.26 24.59
C TYR A 422 -5.33 -18.44 24.16
N VAL A 423 -4.64 -17.31 23.96
CA VAL A 423 -3.28 -17.31 23.47
C VAL A 423 -2.43 -16.47 24.43
N LEU A 424 -1.83 -17.16 25.40
CA LEU A 424 -0.78 -16.55 26.20
C LEU A 424 0.55 -16.99 25.62
N ARG A 425 1.20 -16.10 24.88
CA ARG A 425 2.54 -16.33 24.38
C ARG A 425 3.54 -15.99 25.47
N GLU A 426 4.46 -16.93 25.78
CA GLU A 426 5.59 -16.64 26.65
C GLU A 426 6.71 -16.13 25.76
N THR A 427 7.51 -15.18 26.27
CA THR A 427 8.65 -14.57 25.55
C THR A 427 8.42 -14.50 24.03
N PRO A 428 7.46 -13.67 23.56
CA PRO A 428 7.29 -13.42 22.12
C PRO A 428 8.38 -12.48 21.63
N GLU A 429 8.74 -12.65 20.35
CA GLU A 429 9.85 -11.91 19.76
C GLU A 429 9.44 -10.47 19.49
N VAL A 430 8.20 -10.33 18.95
CA VAL A 430 7.51 -9.06 18.80
C VAL A 430 6.24 -9.12 19.64
N VAL A 431 6.08 -8.18 20.56
CA VAL A 431 4.84 -8.04 21.31
C VAL A 431 3.80 -7.38 20.42
N ASN A 432 2.79 -8.14 20.01
CA ASN A 432 1.73 -7.62 19.18
C ASN A 432 0.74 -6.85 20.06
N ILE A 433 0.50 -5.58 19.71
CA ILE A 433 -0.36 -4.71 20.49
C ILE A 433 -1.64 -4.40 19.71
N GLY A 434 -2.80 -4.71 20.29
CA GLY A 434 -4.06 -4.43 19.62
C GLY A 434 -4.66 -3.10 20.07
N ILE A 435 -5.32 -2.39 19.13
CA ILE A 435 -6.04 -1.16 19.42
C ILE A 435 -7.41 -1.26 18.77
N ALA A 436 -8.44 -1.40 19.64
CA ALA A 436 -9.83 -1.38 19.23
C ALA A 436 -10.34 0.04 19.23
N ALA A 437 -10.48 0.65 18.06
CA ALA A 437 -10.80 2.07 18.04
C ALA A 437 -11.47 2.46 16.75
N THR A 438 -12.70 2.97 16.85
CA THR A 438 -13.35 3.56 15.69
C THR A 438 -12.53 4.76 15.26
N THR A 439 -12.78 5.30 14.05
CA THR A 439 -11.87 6.28 13.47
C THR A 439 -11.97 7.59 14.23
N MET A 440 -13.15 7.86 14.81
CA MET A 440 -13.37 9.12 15.52
C MET A 440 -12.39 9.27 16.69
N LYS A 441 -11.89 8.15 17.23
CA LYS A 441 -11.07 8.15 18.42
C LYS A 441 -9.58 8.30 18.13
N LEU A 442 -9.19 8.46 16.87
CA LEU A 442 -7.79 8.65 16.51
C LEU A 442 -7.47 10.15 16.39
N ASN A 443 -6.29 10.53 16.89
CA ASN A 443 -5.80 11.91 16.84
C ASN A 443 -4.27 11.94 16.85
N PRO A 444 -3.63 13.11 16.60
CA PRO A 444 -2.17 13.20 16.66
C PRO A 444 -1.54 12.84 17.99
N TYR A 445 -2.18 13.16 19.13
CA TYR A 445 -1.57 12.86 20.42
C TYR A 445 -1.48 11.36 20.62
N PHE A 446 -2.61 10.68 20.47
CA PHE A 446 -2.64 9.23 20.61
C PHE A 446 -1.60 8.54 19.71
N LEU A 447 -1.53 8.92 18.42
CA LEU A 447 -0.56 8.32 17.50
C LEU A 447 0.88 8.75 17.82
N GLU A 448 1.09 10.02 18.22
CA GLU A 448 2.38 10.45 18.71
C GLU A 448 2.77 9.57 19.91
N THR A 449 1.81 9.28 20.78
CA THR A 449 2.08 8.56 22.00
C THR A 449 2.50 7.13 21.68
N LEU A 450 1.87 6.54 20.67
CA LEU A 450 2.24 5.19 20.28
C LEU A 450 3.63 5.20 19.65
N LYS A 451 3.93 6.20 18.80
CA LYS A 451 5.27 6.31 18.24
C LYS A 451 6.31 6.29 19.36
N THR A 452 6.07 7.06 20.44
CA THR A 452 7.00 7.19 21.55
C THR A 452 7.18 5.84 22.26
N ILE A 453 6.06 5.15 22.50
CA ILE A 453 6.13 3.85 23.14
C ILE A 453 7.05 2.95 22.33
N ARG A 454 6.82 2.89 21.02
CA ARG A 454 7.59 2.02 20.15
C ARG A 454 9.08 2.37 20.22
N ASP A 455 9.39 3.68 20.22
CA ASP A 455 10.76 4.18 20.20
C ASP A 455 11.48 3.81 21.50
N ARG A 456 10.74 3.83 22.63
CA ARG A 456 11.31 3.68 23.97
C ARG A 456 11.29 2.23 24.44
N ALA A 457 10.29 1.44 24.02
CA ALA A 457 10.22 0.03 24.39
C ALA A 457 11.56 -0.64 24.21
N LYS A 458 11.94 -1.49 25.16
CA LYS A 458 13.15 -2.29 25.06
C LYS A 458 12.88 -3.60 24.31
N VAL A 459 11.64 -3.77 23.79
CA VAL A 459 11.28 -4.97 23.02
C VAL A 459 10.68 -4.54 21.68
N LYS A 460 10.64 -5.45 20.70
CA LYS A 460 9.99 -5.16 19.43
C LYS A 460 8.47 -5.17 19.64
N VAL A 461 7.78 -4.17 19.06
CA VAL A 461 6.31 -4.07 19.13
C VAL A 461 5.73 -3.86 17.74
N HIS A 462 4.58 -4.49 17.49
CA HIS A 462 3.79 -4.23 16.29
C HIS A 462 2.35 -3.89 16.71
N PHE A 463 1.81 -2.80 16.18
CA PHE A 463 0.45 -2.36 16.49
C PHE A 463 -0.53 -2.91 15.44
N HIS A 464 -1.58 -3.61 15.87
CA HIS A 464 -2.70 -3.93 14.99
C HIS A 464 -3.89 -3.05 15.34
N PHE A 465 -4.28 -2.14 14.42
CA PHE A 465 -5.46 -1.32 14.61
C PHE A 465 -6.66 -1.99 13.95
N ALA A 466 -7.71 -2.23 14.76
CA ALA A 466 -9.01 -2.69 14.30
C ALA A 466 -9.94 -1.49 14.19
N LEU A 467 -10.16 -1.00 12.97
CA LEU A 467 -10.60 0.37 12.75
C LEU A 467 -12.09 0.43 12.39
N GLY A 468 -12.95 0.43 13.40
CA GLY A 468 -14.38 0.62 13.13
C GLY A 468 -14.62 1.92 12.37
N GLN A 469 -15.45 1.89 11.32
CA GLN A 469 -15.78 3.04 10.50
C GLN A 469 -14.76 3.34 9.39
N SER A 470 -13.63 2.64 9.38
CA SER A 470 -12.72 2.72 8.23
C SER A 470 -13.21 1.76 7.14
N ILE A 471 -14.10 2.26 6.29
CA ILE A 471 -14.77 1.46 5.28
C ILE A 471 -14.52 2.03 3.88
N GLY A 472 -14.36 1.16 2.89
CA GLY A 472 -14.30 1.61 1.51
C GLY A 472 -13.21 2.67 1.31
N ILE A 473 -13.60 3.86 0.82
CA ILE A 473 -12.66 4.92 0.48
C ILE A 473 -12.08 5.62 1.71
N THR A 474 -12.56 5.30 2.90
CA THR A 474 -11.98 5.93 4.08
C THR A 474 -10.59 5.36 4.33
N HIS A 475 -10.36 4.09 3.98
CA HIS A 475 -9.29 3.33 4.60
C HIS A 475 -7.89 3.77 4.16
N PRO A 476 -7.61 4.00 2.86
CA PRO A 476 -6.25 4.32 2.43
C PRO A 476 -5.69 5.55 3.11
N TYR A 477 -6.54 6.56 3.24
CA TYR A 477 -6.27 7.76 4.01
C TYR A 477 -5.83 7.38 5.42
N VAL A 478 -6.62 6.56 6.10
CA VAL A 478 -6.41 6.25 7.51
C VAL A 478 -5.13 5.48 7.62
N ALA A 479 -4.93 4.54 6.70
CA ALA A 479 -3.83 3.59 6.81
C ALA A 479 -2.51 4.35 6.67
N ARG A 480 -2.57 5.42 5.86
CA ARG A 480 -1.42 6.26 5.59
C ARG A 480 -1.09 7.09 6.82
N PHE A 481 -2.11 7.75 7.36
CA PHE A 481 -2.03 8.45 8.64
C PHE A 481 -1.32 7.57 9.66
N ILE A 482 -1.69 6.29 9.76
CA ILE A 482 -1.00 5.43 10.72
C ILE A 482 0.44 5.18 10.29
N ARG A 483 0.68 4.90 9.01
CA ARG A 483 2.04 4.69 8.50
C ARG A 483 2.91 5.93 8.76
N SER A 484 2.31 7.13 8.72
CA SER A 484 3.05 8.37 8.90
C SER A 484 3.63 8.46 10.31
N TYR A 485 3.14 7.66 11.26
CA TYR A 485 3.67 7.66 12.60
C TYR A 485 4.48 6.38 12.88
N LEU A 486 4.01 5.23 12.41
CA LEU A 486 4.53 3.95 12.87
C LEU A 486 5.13 3.12 11.73
N GLY A 487 5.19 3.68 10.52
CA GLY A 487 5.77 2.99 9.37
C GLY A 487 5.36 1.53 9.30
N ASP A 488 6.36 0.65 9.33
CA ASP A 488 6.15 -0.76 9.16
C ASP A 488 5.77 -1.45 10.47
N ASP A 489 5.67 -0.70 11.58
CA ASP A 489 5.36 -1.29 12.87
C ASP A 489 3.87 -1.23 13.21
N ALA A 490 3.02 -0.86 12.25
CA ALA A 490 1.58 -0.96 12.43
C ALA A 490 0.94 -1.61 11.21
N THR A 491 -0.13 -2.36 11.43
CA THR A 491 -1.07 -2.82 10.41
C THR A 491 -2.42 -2.14 10.68
N ALA A 492 -3.05 -1.62 9.64
CA ALA A 492 -4.33 -0.94 9.82
C ALA A 492 -5.44 -1.76 9.18
N HIS A 493 -6.20 -2.51 10.02
CA HIS A 493 -7.26 -3.38 9.58
C HIS A 493 -8.54 -2.58 9.36
N PRO A 494 -9.20 -2.75 8.18
CA PRO A 494 -10.49 -2.11 7.93
C PRO A 494 -11.55 -2.58 8.90
N HIS A 495 -12.66 -1.83 8.91
CA HIS A 495 -13.91 -2.29 9.49
C HIS A 495 -14.15 -3.70 8.97
N SER A 496 -14.33 -4.65 9.90
CA SER A 496 -14.52 -6.06 9.61
C SER A 496 -15.77 -6.58 10.34
N PRO A 497 -16.34 -7.72 9.90
CA PRO A 497 -17.37 -8.38 10.68
C PRO A 497 -16.86 -8.76 12.07
N TYR A 498 -17.78 -8.91 13.03
CA TYR A 498 -17.39 -9.01 14.43
C TYR A 498 -16.38 -10.14 14.65
N ASN A 499 -16.64 -11.34 14.12
CA ASN A 499 -15.82 -12.49 14.49
C ASN A 499 -14.40 -12.24 14.02
N ARG A 500 -14.26 -11.55 12.88
CA ARG A 500 -12.99 -11.27 12.21
C ARG A 500 -12.20 -10.23 13.02
N TYR A 501 -12.88 -9.15 13.40
CA TYR A 501 -12.39 -8.19 14.37
C TYR A 501 -11.80 -8.93 15.58
N LEU A 502 -12.56 -9.82 16.21
CA LEU A 502 -12.07 -10.58 17.35
C LEU A 502 -10.85 -11.40 16.98
N ASP A 503 -10.76 -11.92 15.75
CA ASP A 503 -9.62 -12.74 15.34
C ASP A 503 -8.34 -11.90 15.35
N ILE A 504 -8.45 -10.65 14.90
CA ILE A 504 -7.36 -9.69 14.89
C ILE A 504 -6.82 -9.47 16.31
N LEU A 505 -7.71 -9.17 17.24
CA LEU A 505 -7.33 -8.88 18.63
C LEU A 505 -6.77 -10.14 19.30
N HIS A 506 -7.40 -11.29 19.03
CA HIS A 506 -7.10 -12.55 19.69
C HIS A 506 -5.64 -12.93 19.42
N ASN A 507 -5.12 -12.30 18.36
CA ASN A 507 -3.77 -12.48 17.89
C ASN A 507 -2.78 -11.60 18.65
N CYS A 508 -3.28 -10.61 19.39
CA CYS A 508 -2.43 -9.71 20.13
C CYS A 508 -2.06 -10.31 21.48
N ASP A 509 -1.04 -9.69 22.10
CA ASP A 509 -0.49 -10.07 23.40
C ASP A 509 -0.92 -9.08 24.49
N MET A 510 -1.50 -7.95 24.06
CA MET A 510 -1.99 -6.90 24.95
C MET A 510 -2.71 -5.86 24.10
N MET A 511 -3.38 -4.89 24.73
CA MET A 511 -4.10 -3.84 24.01
C MET A 511 -3.88 -2.47 24.65
N LEU A 512 -4.06 -1.41 23.85
CA LEU A 512 -3.99 -0.04 24.32
C LEU A 512 -5.29 0.66 23.93
N ASN A 513 -5.73 1.54 24.82
CA ASN A 513 -7.01 2.18 24.69
C ASN A 513 -6.73 3.57 24.17
N PRO A 514 -7.50 4.10 23.19
CA PRO A 514 -7.31 5.49 22.75
C PRO A 514 -7.80 6.44 23.82
N PHE A 515 -7.30 7.67 23.78
CA PHE A 515 -7.77 8.81 24.52
C PHE A 515 -7.85 10.01 23.57
N PRO A 516 -8.63 11.08 23.86
CA PRO A 516 -9.36 11.24 25.11
C PRO A 516 -10.58 10.32 25.27
N PHE A 517 -11.39 10.24 24.22
CA PHE A 517 -12.56 9.39 24.17
C PHE A 517 -12.14 7.92 24.09
N GLY A 518 -12.42 7.19 25.18
CA GLY A 518 -11.95 5.83 25.40
C GLY A 518 -12.94 4.81 24.88
N ASN A 519 -12.78 3.56 25.34
CA ASN A 519 -13.61 2.46 24.88
C ASN A 519 -14.53 1.96 25.99
N THR A 520 -15.51 1.14 25.57
CA THR A 520 -16.47 0.53 26.46
C THR A 520 -16.62 -0.90 25.97
N ASN A 521 -17.33 -1.07 24.85
CA ASN A 521 -17.49 -2.40 24.27
C ASN A 521 -16.13 -3.00 23.93
N GLY A 522 -15.14 -2.18 23.54
CA GLY A 522 -13.78 -2.66 23.26
C GLY A 522 -13.12 -3.35 24.46
N ILE A 523 -13.48 -2.92 25.68
CA ILE A 523 -12.97 -3.52 26.91
C ILE A 523 -13.72 -4.83 27.18
N ILE A 524 -15.04 -4.86 26.92
CA ILE A 524 -15.73 -6.14 26.98
C ILE A 524 -14.97 -7.10 26.04
N ASP A 525 -14.78 -6.67 24.79
CA ASP A 525 -14.08 -7.43 23.78
C ASP A 525 -12.72 -7.86 24.34
N MET A 526 -12.00 -6.95 25.00
CA MET A 526 -10.68 -7.24 25.53
C MET A 526 -10.72 -8.42 26.51
N VAL A 527 -11.46 -8.31 27.62
CA VAL A 527 -11.48 -9.38 28.61
C VAL A 527 -12.10 -10.64 28.01
N THR A 528 -13.08 -10.49 27.09
CA THR A 528 -13.67 -11.63 26.42
C THR A 528 -12.61 -12.55 25.84
N LEU A 529 -11.52 -11.96 25.32
CA LEU A 529 -10.36 -12.70 24.80
C LEU A 529 -9.33 -12.97 25.90
N GLY A 530 -9.57 -12.51 27.14
CA GLY A 530 -8.65 -12.74 28.23
C GLY A 530 -7.38 -11.90 28.09
N LEU A 531 -7.54 -10.63 27.75
CA LEU A 531 -6.39 -9.74 27.59
C LEU A 531 -6.42 -8.63 28.63
N VAL A 532 -5.26 -8.06 28.85
CA VAL A 532 -5.05 -6.90 29.67
C VAL A 532 -4.50 -5.82 28.75
N GLY A 533 -4.77 -4.55 29.11
CA GLY A 533 -4.20 -3.41 28.41
C GLY A 533 -4.10 -2.19 29.33
N VAL A 534 -3.81 -1.03 28.73
CA VAL A 534 -3.66 0.20 29.48
C VAL A 534 -4.70 1.20 28.99
N CYS A 535 -5.04 2.18 29.84
CA CYS A 535 -5.94 3.22 29.43
C CYS A 535 -5.62 4.53 30.12
N LYS A 536 -6.23 5.60 29.62
CA LYS A 536 -6.22 6.89 30.28
C LYS A 536 -7.58 7.14 30.95
N THR A 537 -7.54 8.01 31.96
CA THR A 537 -8.71 8.50 32.65
C THR A 537 -8.67 10.02 32.60
N GLY A 538 -9.81 10.66 32.85
CA GLY A 538 -9.91 12.10 32.74
C GLY A 538 -11.24 12.59 33.31
N PRO A 539 -11.44 13.93 33.33
CA PRO A 539 -12.66 14.52 33.90
C PRO A 539 -13.95 14.12 33.21
N GLU A 540 -13.87 13.92 31.88
CA GLU A 540 -15.06 13.69 31.07
C GLU A 540 -15.45 12.23 31.25
N VAL A 541 -16.74 11.92 31.06
CA VAL A 541 -17.20 10.56 31.26
C VAL A 541 -16.52 9.64 30.26
N HIS A 542 -16.44 10.08 28.97
CA HIS A 542 -15.82 9.26 27.93
C HIS A 542 -14.32 9.04 28.16
N GLU A 543 -13.68 9.90 28.99
CA GLU A 543 -12.32 9.67 29.45
C GLU A 543 -12.25 8.63 30.58
N HIS A 544 -13.29 8.58 31.44
CA HIS A 544 -13.22 7.96 32.75
C HIS A 544 -13.90 6.58 32.77
N ILE A 545 -14.83 6.34 31.84
CA ILE A 545 -15.45 5.02 31.73
C ILE A 545 -14.40 3.90 31.83
N ASP A 546 -13.25 4.12 31.20
CA ASP A 546 -12.19 3.12 31.10
C ASP A 546 -11.72 2.76 32.50
N GLU A 547 -11.33 3.80 33.27
CA GLU A 547 -10.93 3.69 34.68
C GLU A 547 -11.93 2.83 35.43
N GLY A 548 -13.20 3.27 35.38
CA GLY A 548 -14.28 2.58 36.04
C GLY A 548 -14.35 1.11 35.67
N LEU A 549 -14.43 0.85 34.37
CA LEU A 549 -14.73 -0.47 33.88
C LEU A 549 -13.57 -1.42 34.18
N PHE A 550 -12.34 -0.88 34.14
CA PHE A 550 -11.17 -1.65 34.56
C PHE A 550 -11.40 -2.13 35.99
N LYS A 551 -11.62 -1.16 36.89
CA LYS A 551 -11.87 -1.45 38.30
C LYS A 551 -12.96 -2.51 38.46
N ARG A 552 -14.11 -2.32 37.78
CA ARG A 552 -15.22 -3.28 37.82
C ARG A 552 -14.80 -4.68 37.37
N LEU A 553 -13.78 -4.81 36.50
CA LEU A 553 -13.37 -6.10 35.97
C LEU A 553 -12.15 -6.64 36.73
N GLY A 554 -11.69 -5.88 37.73
CA GLY A 554 -10.72 -6.40 38.68
C GLY A 554 -9.30 -6.36 38.11
N LEU A 555 -9.09 -5.45 37.16
CA LEU A 555 -7.75 -5.14 36.66
C LEU A 555 -7.12 -4.11 37.59
N PRO A 556 -5.79 -4.17 37.81
CA PRO A 556 -5.13 -3.29 38.78
C PRO A 556 -5.09 -1.84 38.32
N GLU A 557 -4.81 -0.95 39.28
CA GLU A 557 -4.86 0.47 39.07
C GLU A 557 -3.64 0.96 38.29
N TRP A 558 -2.53 0.23 38.29
CA TRP A 558 -1.35 0.72 37.59
C TRP A 558 -1.59 0.80 36.07
N LEU A 559 -2.52 -0.02 35.56
CA LEU A 559 -2.91 0.02 34.15
C LEU A 559 -3.72 1.26 33.79
N ILE A 560 -3.99 2.14 34.76
CA ILE A 560 -4.75 3.35 34.52
C ILE A 560 -3.81 4.55 34.68
N ALA A 561 -3.94 5.53 33.78
CA ALA A 561 -2.92 6.56 33.61
C ALA A 561 -3.54 7.95 33.60
N ASP A 562 -3.03 8.84 34.47
CA ASP A 562 -3.60 10.16 34.65
C ASP A 562 -3.08 11.09 33.55
N SER A 563 -1.78 10.98 33.21
CA SER A 563 -1.14 11.82 32.21
C SER A 563 -0.75 11.02 30.96
N VAL A 564 -0.44 11.74 29.87
CA VAL A 564 0.07 11.12 28.67
C VAL A 564 1.34 10.35 29.04
N GLU A 565 2.14 10.91 29.96
CA GLU A 565 3.45 10.36 30.23
C GLU A 565 3.30 9.05 31.03
N ASP A 566 2.42 9.03 32.02
CA ASP A 566 2.06 7.78 32.70
C ASP A 566 1.73 6.70 31.67
N TYR A 567 0.77 7.01 30.78
CA TYR A 567 0.34 6.10 29.72
C TYR A 567 1.54 5.38 29.11
N ILE A 568 2.56 6.16 28.71
CA ILE A 568 3.75 5.62 28.07
C ILE A 568 4.51 4.64 28.98
N GLU A 569 4.74 5.02 30.24
CA GLU A 569 5.54 4.18 31.12
C GLU A 569 4.85 2.84 31.31
N ARG A 570 3.51 2.87 31.44
CA ARG A 570 2.74 1.69 31.78
C ARG A 570 2.66 0.78 30.54
N ALA A 571 2.35 1.39 29.39
CA ALA A 571 2.35 0.71 28.11
C ALA A 571 3.67 -0.02 27.87
N ILE A 572 4.78 0.69 28.06
CA ILE A 572 6.10 0.10 27.91
C ILE A 572 6.31 -1.03 28.91
N ARG A 573 5.99 -0.78 30.19
CA ARG A 573 6.18 -1.75 31.26
C ARG A 573 5.46 -3.05 30.92
N LEU A 574 4.23 -2.92 30.40
CA LEU A 574 3.41 -4.09 30.10
C LEU A 574 3.89 -4.81 28.83
N ALA A 575 4.49 -4.07 27.90
CA ALA A 575 5.11 -4.68 26.74
C ALA A 575 6.44 -5.31 27.13
N GLU A 576 7.17 -4.70 28.06
CA GLU A 576 8.49 -5.21 28.43
C GLU A 576 8.36 -6.44 29.32
N ASN A 577 7.61 -6.35 30.44
CA ASN A 577 7.59 -7.40 31.44
C ASN A 577 6.61 -8.50 31.01
N HIS A 578 7.10 -9.46 30.23
CA HIS A 578 6.32 -10.55 29.69
C HIS A 578 5.71 -11.38 30.82
N GLN A 579 6.46 -11.58 31.91
CA GLN A 579 6.01 -12.51 32.95
C GLN A 579 4.95 -11.82 33.79
N GLU A 580 5.14 -10.53 34.03
CA GLU A 580 4.11 -9.72 34.64
C GLU A 580 2.84 -9.82 33.81
N ARG A 581 2.92 -9.52 32.50
CA ARG A 581 1.76 -9.45 31.61
C ARG A 581 0.93 -10.73 31.69
N LEU A 582 1.59 -11.88 31.54
CA LEU A 582 0.91 -13.15 31.55
C LEU A 582 0.28 -13.42 32.93
N ALA A 583 0.98 -13.06 34.00
CA ALA A 583 0.40 -13.20 35.33
C ALA A 583 -0.94 -12.47 35.41
N LEU A 584 -1.00 -11.25 34.87
CA LEU A 584 -2.21 -10.42 34.93
C LEU A 584 -3.33 -11.01 34.10
N ARG A 585 -2.97 -11.66 32.98
CA ARG A 585 -3.95 -12.30 32.12
C ARG A 585 -4.49 -13.54 32.82
N ARG A 586 -3.59 -14.38 33.35
CA ARG A 586 -3.99 -15.56 34.10
C ARG A 586 -4.96 -15.18 35.22
N HIS A 587 -4.71 -14.06 35.91
CA HIS A 587 -5.61 -13.52 36.92
C HIS A 587 -7.02 -13.41 36.30
N ILE A 588 -7.13 -12.61 35.24
CA ILE A 588 -8.41 -12.19 34.70
C ILE A 588 -9.20 -13.39 34.16
N ILE A 589 -8.47 -14.35 33.58
CA ILE A 589 -9.08 -15.49 32.93
C ILE A 589 -9.75 -16.36 33.99
N GLU A 590 -9.09 -16.51 35.15
CA GLU A 590 -9.56 -17.36 36.21
C GLU A 590 -10.66 -16.64 36.99
N ASN A 591 -10.50 -15.32 37.21
CA ASN A 591 -11.43 -14.52 37.99
C ASN A 591 -12.44 -13.84 37.06
N ASN A 592 -13.17 -14.65 36.28
CA ASN A 592 -13.95 -14.18 35.14
C ASN A 592 -14.77 -12.96 35.53
N GLY A 593 -14.14 -11.77 35.50
CA GLY A 593 -14.81 -10.55 35.91
C GLY A 593 -16.02 -10.24 35.03
N LEU A 594 -15.99 -10.75 33.78
CA LEU A 594 -16.92 -10.36 32.73
C LEU A 594 -18.37 -10.60 33.19
N LYS A 595 -18.67 -11.80 33.73
CA LYS A 595 -20.04 -12.24 34.00
C LYS A 595 -20.76 -11.31 34.97
N THR A 596 -19.96 -10.50 35.69
CA THR A 596 -20.45 -9.56 36.70
C THR A 596 -21.11 -8.33 36.07
N LEU A 597 -20.98 -8.16 34.74
CA LEU A 597 -21.55 -7.02 34.05
C LEU A 597 -23.00 -7.32 33.68
N PHE A 598 -23.28 -8.60 33.41
CA PHE A 598 -24.63 -9.03 33.13
C PHE A 598 -25.38 -9.18 34.46
N SER A 599 -24.66 -9.06 35.58
CA SER A 599 -25.26 -9.08 36.92
C SER A 599 -25.67 -7.66 37.32
N GLY A 600 -26.62 -7.55 38.26
CA GLY A 600 -26.92 -6.29 38.91
C GLY A 600 -28.42 -6.11 39.18
N ASP A 601 -28.72 -5.11 40.04
CA ASP A 601 -30.07 -4.71 40.42
C ASP A 601 -30.47 -3.49 39.59
N PRO A 602 -31.28 -3.67 38.51
CA PRO A 602 -31.58 -2.62 37.54
C PRO A 602 -32.63 -1.57 37.91
N SER A 603 -33.12 -1.68 39.15
CA SER A 603 -34.24 -0.89 39.60
C SER A 603 -33.88 0.58 39.83
N PRO A 604 -32.64 0.94 40.24
CA PRO A 604 -32.36 2.31 40.69
C PRO A 604 -32.83 3.41 39.75
N MET A 605 -32.78 3.18 38.41
CA MET A 605 -33.12 4.24 37.47
C MET A 605 -34.55 4.70 37.75
N GLY A 606 -35.52 3.78 37.64
CA GLY A 606 -36.93 4.12 37.79
C GLY A 606 -37.26 4.73 39.17
N LYS A 607 -36.54 4.28 40.19
CA LYS A 607 -36.74 4.74 41.56
C LYS A 607 -36.29 6.20 41.70
N THR A 608 -35.08 6.50 41.20
CA THR A 608 -34.51 7.82 41.33
C THR A 608 -35.35 8.82 40.56
N LEU A 609 -36.01 8.36 39.48
CA LEU A 609 -36.80 9.22 38.61
C LEU A 609 -38.19 9.44 39.20
N PHE A 610 -38.79 8.41 39.80
CA PHE A 610 -40.05 8.58 40.52
C PHE A 610 -39.81 9.57 41.66
N ALA A 611 -38.67 9.40 42.35
CA ALA A 611 -38.28 10.23 43.49
C ALA A 611 -38.15 11.70 43.09
N LYS A 612 -38.00 11.99 41.78
CA LYS A 612 -37.85 13.35 41.28
C LYS A 612 -39.21 13.91 40.84
N LEU A 613 -40.11 13.04 40.37
CA LEU A 613 -41.49 13.43 40.09
C LEU A 613 -42.22 13.70 41.42
N THR A 614 -41.89 12.90 42.45
CA THR A 614 -42.24 13.16 43.84
C THR A 614 -41.83 14.57 44.22
N GLU A 615 -40.52 14.88 44.17
CA GLU A 615 -39.97 16.20 44.52
C GLU A 615 -40.50 17.32 43.62
N TRP A 616 -40.93 17.00 42.40
CA TRP A 616 -41.40 18.00 41.46
C TRP A 616 -42.88 18.33 41.71
N ARG A 617 -43.68 17.28 41.95
CA ARG A 617 -45.09 17.42 42.29
C ARG A 617 -45.31 18.31 43.52
N GLN A 618 -44.38 18.26 44.48
CA GLN A 618 -44.47 18.87 45.81
C GLN A 618 -43.96 20.31 45.84
N THR A 619 -43.22 20.72 44.80
CA THR A 619 -42.69 22.07 44.68
C THR A 619 -43.62 22.93 43.80
N ASN A 620 -44.36 22.26 42.91
CA ASN A 620 -45.27 22.93 41.98
C ASN A 620 -46.72 22.60 42.33
N GLY A 621 -46.97 21.40 42.87
CA GLY A 621 -48.25 20.74 42.72
C GLY A 621 -48.32 19.98 41.40
N ILE A 622 -49.48 19.41 41.09
CA ILE A 622 -49.73 18.68 39.85
C ILE A 622 -49.35 19.56 38.64
N GLY B 1 21.01 23.37 -3.18
CA GLY B 1 22.41 23.82 -3.31
C GLY B 1 23.03 23.43 -4.66
N MET B 2 24.30 23.01 -4.63
CA MET B 2 25.10 22.94 -5.83
C MET B 2 25.18 21.50 -6.32
N SER B 3 25.29 21.31 -7.63
CA SER B 3 25.36 19.97 -8.19
C SER B 3 26.02 20.01 -9.57
N ARG B 4 26.19 18.83 -10.14
CA ARG B 4 26.89 18.68 -11.40
C ARG B 4 26.00 19.17 -12.55
N LYS B 5 24.75 18.65 -12.61
CA LYS B 5 23.87 18.80 -13.76
C LYS B 5 22.51 19.30 -13.26
N LYS B 6 21.78 20.10 -14.05
CA LYS B 6 20.45 20.54 -13.67
C LYS B 6 19.53 19.34 -13.56
N ASN B 7 18.76 19.25 -12.46
CA ASN B 7 17.84 18.14 -12.31
C ASN B 7 16.73 18.22 -13.35
N PRO B 8 16.24 17.09 -13.92
CA PRO B 8 15.01 17.11 -14.72
C PRO B 8 13.79 17.46 -13.87
N SER B 9 12.84 18.18 -14.48
CA SER B 9 11.74 18.78 -13.73
C SER B 9 10.39 18.29 -14.27
N VAL B 10 9.59 17.68 -13.39
CA VAL B 10 8.21 17.37 -13.71
C VAL B 10 7.46 18.65 -14.12
N ILE B 11 7.86 19.78 -13.52
CA ILE B 11 7.20 21.05 -13.71
C ILE B 11 7.50 21.60 -15.11
N GLN B 12 8.79 21.53 -15.49
CA GLN B 12 9.22 21.92 -16.82
C GLN B 12 8.49 21.09 -17.86
N PHE B 13 8.42 19.78 -17.61
CA PHE B 13 7.70 18.84 -18.47
C PHE B 13 6.26 19.28 -18.64
N GLU B 14 5.64 19.70 -17.53
CA GLU B 14 4.25 20.10 -17.54
C GLU B 14 4.08 21.40 -18.32
N LYS B 15 4.91 22.42 -18.01
CA LYS B 15 4.92 23.67 -18.77
C LYS B 15 4.94 23.39 -20.28
N ALA B 16 5.93 22.61 -20.73
CA ALA B 16 6.14 22.33 -22.15
C ALA B 16 4.84 21.89 -22.81
N ILE B 17 4.12 21.00 -22.13
CA ILE B 17 2.87 20.42 -22.62
C ILE B 17 1.78 21.48 -22.67
N THR B 18 1.74 22.40 -21.69
CA THR B 18 0.72 23.42 -21.76
C THR B 18 1.00 24.34 -22.95
N GLU B 19 2.27 24.75 -23.10
CA GLU B 19 2.73 25.60 -24.17
C GLU B 19 2.70 24.88 -25.52
N LYS B 20 2.37 23.59 -25.51
CA LYS B 20 2.35 22.75 -26.69
C LYS B 20 3.68 22.90 -27.43
N ASN B 21 4.75 22.95 -26.64
CA ASN B 21 6.10 22.80 -27.12
C ASN B 21 6.47 21.32 -26.98
N TYR B 22 6.11 20.54 -27.99
CA TYR B 22 6.21 19.10 -27.87
C TYR B 22 7.69 18.68 -27.81
N GLU B 23 8.56 19.47 -28.42
CA GLU B 23 9.97 19.10 -28.55
C GLU B 23 10.62 19.17 -27.16
N ALA B 24 10.44 20.29 -26.46
CA ALA B 24 10.88 20.44 -25.09
C ALA B 24 10.32 19.34 -24.19
N ALA B 25 9.04 19.03 -24.40
CA ALA B 25 8.30 18.10 -23.56
C ALA B 25 8.93 16.71 -23.66
N CYS B 26 9.01 16.19 -24.89
CA CYS B 26 9.69 14.92 -25.09
C CYS B 26 11.11 14.97 -24.52
N THR B 27 11.79 16.11 -24.65
CA THR B 27 13.13 16.21 -24.08
C THR B 27 13.08 16.06 -22.55
N GLU B 28 12.23 16.84 -21.89
CA GLU B 28 12.25 16.77 -20.44
C GLU B 28 11.89 15.35 -20.06
N LEU B 29 10.92 14.77 -20.78
CA LEU B 29 10.48 13.43 -20.50
C LEU B 29 11.65 12.44 -20.62
N LEU B 30 12.37 12.52 -21.76
CA LEU B 30 13.51 11.66 -22.05
C LEU B 30 14.53 11.79 -20.93
N ASP B 31 14.74 13.02 -20.43
CA ASP B 31 15.78 13.27 -19.45
C ASP B 31 15.38 12.68 -18.10
N ILE B 32 14.08 12.73 -17.82
CA ILE B 32 13.60 12.18 -16.57
C ILE B 32 13.81 10.67 -16.64
N LEU B 33 13.32 10.06 -17.72
CA LEU B 33 13.36 8.60 -17.81
C LEU B 33 14.80 8.12 -17.73
N ASN B 34 15.69 8.77 -18.50
CA ASN B 34 17.10 8.41 -18.50
C ASN B 34 17.63 8.50 -17.06
N LYS B 35 17.30 9.58 -16.34
CA LYS B 35 17.88 9.69 -15.01
C LYS B 35 17.42 8.51 -14.16
N ILE B 36 16.16 8.08 -14.37
CA ILE B 36 15.60 6.98 -13.60
C ILE B 36 16.34 5.71 -13.97
N ASP B 37 16.60 5.52 -15.28
CA ASP B 37 17.33 4.37 -15.79
C ASP B 37 18.71 4.28 -15.14
N THR B 38 19.33 5.46 -15.00
CA THR B 38 20.66 5.57 -14.46
C THR B 38 20.67 5.20 -12.98
N ASN B 39 19.56 5.43 -12.27
CA ASN B 39 19.51 5.24 -10.83
C ASN B 39 18.74 3.97 -10.47
N PHE B 40 18.44 3.16 -11.50
CA PHE B 40 17.75 1.89 -11.36
C PHE B 40 16.43 2.08 -10.64
N GLY B 41 15.68 3.11 -11.08
CA GLY B 41 14.31 3.33 -10.63
C GLY B 41 14.17 4.36 -9.51
N ASP B 42 15.29 4.79 -8.90
CA ASP B 42 15.25 5.81 -7.87
C ASP B 42 14.93 7.17 -8.50
N ILE B 43 14.17 8.00 -7.75
CA ILE B 43 13.75 9.29 -8.26
C ILE B 43 14.38 10.43 -7.46
N GLU B 44 15.41 10.14 -6.63
CA GLU B 44 16.34 11.15 -6.18
C GLU B 44 16.78 12.01 -7.36
N GLY B 45 16.71 13.33 -7.21
CA GLY B 45 17.32 14.20 -8.20
C GLY B 45 16.45 14.41 -9.44
N ILE B 46 15.16 14.07 -9.30
CA ILE B 46 14.11 14.55 -10.19
C ILE B 46 13.33 15.61 -9.42
N ASP B 47 13.15 16.79 -10.03
CA ASP B 47 12.53 17.93 -9.36
C ASP B 47 11.01 17.87 -9.53
N PHE B 48 10.28 17.89 -8.40
CA PHE B 48 8.83 18.11 -8.41
C PHE B 48 8.31 18.56 -7.04
N ASP B 49 7.31 19.47 -7.04
CA ASP B 49 6.66 19.93 -5.81
C ASP B 49 5.70 18.86 -5.33
N TYR B 50 5.31 18.89 -4.06
CA TYR B 50 4.37 17.89 -3.58
C TYR B 50 3.82 18.21 -2.19
N PRO B 51 2.59 17.78 -1.84
CA PRO B 51 2.02 18.10 -0.52
C PRO B 51 2.91 17.60 0.63
N GLN B 52 3.07 18.49 1.62
CA GLN B 52 4.04 18.29 2.68
C GLN B 52 3.83 16.96 3.39
N GLN B 53 2.64 16.36 3.27
CA GLN B 53 2.33 15.15 4.00
C GLN B 53 3.22 14.03 3.50
N LEU B 54 3.74 14.21 2.28
CA LEU B 54 4.50 13.19 1.59
C LEU B 54 5.99 13.39 1.80
N GLU B 55 6.35 14.43 2.56
CA GLU B 55 7.73 14.75 2.89
C GLU B 55 8.44 13.53 3.47
N THR B 56 7.79 12.75 4.33
CA THR B 56 8.49 11.71 5.05
C THR B 56 8.06 10.33 4.58
N LEU B 57 7.26 10.24 3.52
CA LEU B 57 6.61 8.98 3.15
C LEU B 57 7.06 8.58 1.76
N MET B 58 8.11 7.76 1.67
CA MET B 58 8.76 7.56 0.39
C MET B 58 7.83 6.83 -0.58
N GLN B 59 7.27 5.70 -0.15
CA GLN B 59 6.51 4.86 -1.06
C GLN B 59 5.38 5.69 -1.66
N ASP B 60 4.76 6.50 -0.80
CA ASP B 60 3.64 7.34 -1.17
C ASP B 60 4.09 8.44 -2.12
N ARG B 61 5.26 9.02 -1.87
CA ARG B 61 5.82 10.06 -2.73
C ARG B 61 6.12 9.45 -4.12
N ILE B 62 6.64 8.21 -4.15
CA ILE B 62 6.91 7.55 -5.42
C ILE B 62 5.61 7.44 -6.23
N VAL B 63 4.57 6.83 -5.63
CA VAL B 63 3.29 6.71 -6.29
C VAL B 63 2.79 8.07 -6.74
N TYR B 64 2.90 9.07 -5.86
CA TYR B 64 2.48 10.42 -6.23
C TYR B 64 3.19 10.87 -7.50
N PHE B 65 4.52 10.73 -7.50
CA PHE B 65 5.34 10.99 -8.67
C PHE B 65 4.76 10.29 -9.90
N CYS B 66 4.54 8.98 -9.80
CA CYS B 66 4.18 8.20 -10.97
C CYS B 66 2.82 8.64 -11.51
N THR B 67 1.89 8.93 -10.60
CA THR B 67 0.57 9.37 -10.99
C THR B 67 0.66 10.68 -11.77
N ARG B 68 1.41 11.62 -11.22
CA ARG B 68 1.50 12.95 -11.80
C ARG B 68 2.25 12.92 -13.14
N MET B 69 3.27 12.05 -13.23
CA MET B 69 3.96 11.78 -14.48
C MET B 69 3.03 11.09 -15.46
N SER B 70 2.19 10.17 -14.96
CA SER B 70 1.26 9.50 -15.84
C SER B 70 0.35 10.54 -16.48
N ASN B 71 -0.14 11.49 -15.68
CA ASN B 71 -1.15 12.42 -16.16
C ASN B 71 -0.53 13.32 -17.23
N ALA B 72 0.70 13.79 -17.01
CA ALA B 72 1.35 14.64 -17.98
C ALA B 72 1.52 13.90 -19.30
N ILE B 73 2.03 12.65 -19.26
CA ILE B 73 2.19 11.87 -20.46
C ILE B 73 0.84 11.70 -21.16
N THR B 74 -0.24 11.50 -20.40
CA THR B 74 -1.58 11.42 -20.97
C THR B 74 -1.92 12.71 -21.74
N GLN B 75 -1.80 13.88 -21.10
CA GLN B 75 -2.07 15.18 -21.70
C GLN B 75 -1.30 15.32 -23.02
N LEU B 76 -0.11 14.69 -23.09
CA LEU B 76 0.80 14.86 -24.21
C LEU B 76 0.44 13.91 -25.35
N PHE B 77 0.31 12.63 -25.07
CA PHE B 77 0.16 11.63 -26.12
C PHE B 77 -1.25 11.66 -26.72
N CYS B 78 -2.27 12.08 -25.97
CA CYS B 78 -3.62 12.24 -26.51
C CYS B 78 -3.75 13.51 -27.33
N ASP B 79 -2.69 14.33 -27.38
CA ASP B 79 -2.71 15.49 -28.26
C ASP B 79 -2.53 14.99 -29.69
N PRO B 80 -3.52 15.18 -30.57
CA PRO B 80 -3.42 14.69 -31.94
C PRO B 80 -2.49 15.59 -32.75
N GLN B 81 -2.13 16.75 -32.19
CA GLN B 81 -1.16 17.65 -32.80
C GLN B 81 0.27 17.16 -32.57
N PHE B 82 0.44 16.11 -31.76
CA PHE B 82 1.77 15.72 -31.28
C PHE B 82 2.34 14.65 -32.20
N SER B 83 3.35 15.04 -32.99
CA SER B 83 3.93 14.16 -34.01
C SER B 83 5.25 13.60 -33.50
N LEU B 84 5.29 12.28 -33.34
CA LEU B 84 6.47 11.61 -32.86
C LEU B 84 7.37 11.20 -34.03
N SER B 85 8.64 11.63 -33.94
CA SER B 85 9.66 11.26 -34.91
C SER B 85 10.02 9.79 -34.72
N GLU B 86 10.61 9.19 -35.75
CA GLU B 86 11.07 7.82 -35.66
C GLU B 86 12.17 7.76 -34.61
N SER B 87 13.17 8.64 -34.68
CA SER B 87 14.18 8.67 -33.63
C SER B 87 13.51 9.01 -32.29
N GLY B 88 12.47 9.85 -32.30
CA GLY B 88 11.69 10.13 -31.09
C GLY B 88 11.17 8.84 -30.46
N ALA B 89 10.43 8.07 -31.27
CA ALA B 89 9.97 6.76 -30.86
C ALA B 89 11.14 5.88 -30.45
N ASN B 90 12.23 5.90 -31.22
CA ASN B 90 13.34 5.01 -30.97
C ASN B 90 13.88 5.21 -29.56
N ARG B 91 13.98 6.47 -29.16
CA ARG B 91 14.54 6.80 -27.86
C ARG B 91 13.56 6.35 -26.76
N PHE B 92 12.25 6.42 -27.03
CA PHE B 92 11.27 6.04 -26.04
C PHE B 92 11.24 4.53 -25.85
N PHE B 93 11.39 3.75 -26.93
CA PHE B 93 11.45 2.30 -26.80
C PHE B 93 12.61 1.88 -25.89
N VAL B 94 13.68 2.66 -25.85
CA VAL B 94 14.85 2.31 -25.06
C VAL B 94 14.52 2.36 -23.57
N VAL B 95 13.64 3.31 -23.25
CA VAL B 95 13.24 3.59 -21.88
C VAL B 95 11.78 3.19 -21.67
N GLN B 96 11.24 2.33 -22.53
CA GLN B 96 9.87 1.91 -22.32
C GLN B 96 9.76 1.15 -21.01
N ARG B 97 10.81 0.45 -20.58
CA ARG B 97 10.68 -0.33 -19.37
C ARG B 97 10.32 0.61 -18.21
N TRP B 98 10.80 1.86 -18.25
CA TRP B 98 10.60 2.84 -17.20
C TRP B 98 9.25 3.53 -17.35
N LEU B 99 8.82 3.78 -18.60
CA LEU B 99 7.45 4.20 -18.89
C LEU B 99 6.46 3.22 -18.29
N ASN B 100 6.75 1.92 -18.36
CA ASN B 100 5.83 0.92 -17.84
C ASN B 100 5.57 1.18 -16.36
N LEU B 101 6.63 1.55 -15.63
CA LEU B 101 6.56 1.68 -14.18
C LEU B 101 5.88 3.00 -13.77
N ILE B 102 6.04 4.05 -14.57
CA ILE B 102 5.32 5.30 -14.36
C ILE B 102 3.83 5.01 -14.23
N PHE B 103 3.32 4.11 -15.08
CA PHE B 103 1.92 3.75 -15.05
C PHE B 103 1.69 2.62 -14.04
N ALA B 104 2.47 1.55 -14.10
CA ALA B 104 2.24 0.37 -13.27
C ALA B 104 2.44 0.60 -11.79
N SER B 105 3.24 1.59 -11.37
CA SER B 105 3.31 1.91 -9.95
C SER B 105 2.41 3.09 -9.62
N SER B 106 1.78 3.70 -10.63
CA SER B 106 0.64 4.58 -10.43
C SER B 106 -0.57 3.71 -10.14
N PRO B 107 -1.70 4.29 -9.68
CA PRO B 107 -2.94 3.55 -9.56
C PRO B 107 -3.57 3.13 -10.89
N TYR B 108 -3.10 3.66 -12.02
CA TYR B 108 -3.72 3.44 -13.33
C TYR B 108 -3.32 2.11 -13.97
N ILE B 109 -2.14 1.58 -13.58
CA ILE B 109 -1.68 0.26 -13.96
C ILE B 109 -1.03 0.21 -15.36
N ASN B 110 -1.67 0.80 -16.37
CA ASN B 110 -1.07 0.87 -17.68
C ASN B 110 -1.56 2.14 -18.38
N ALA B 111 -1.18 2.29 -19.65
CA ALA B 111 -1.51 3.49 -20.38
C ALA B 111 -2.64 3.24 -21.37
N ASP B 112 -3.39 2.15 -21.20
CA ASP B 112 -4.40 1.78 -22.19
C ASP B 112 -5.46 2.88 -22.31
N HIS B 113 -5.64 3.72 -21.28
CA HIS B 113 -6.56 4.85 -21.37
C HIS B 113 -6.17 5.79 -22.51
N ILE B 114 -4.87 5.90 -22.79
CA ILE B 114 -4.39 6.74 -23.89
C ILE B 114 -4.59 6.02 -25.22
N LEU B 115 -4.33 4.71 -25.23
CA LEU B 115 -4.52 3.90 -26.43
C LEU B 115 -5.94 4.08 -26.94
N GLN B 116 -6.93 4.09 -26.03
CA GLN B 116 -8.34 4.16 -26.41
C GLN B 116 -8.68 5.43 -27.21
N THR B 117 -7.94 6.54 -27.04
CA THR B 117 -8.22 7.79 -27.75
C THR B 117 -7.78 7.68 -29.21
N TYR B 118 -6.93 6.70 -29.50
CA TYR B 118 -6.45 6.49 -30.84
C TYR B 118 -7.39 5.60 -31.66
N ASN B 119 -8.42 4.98 -31.06
CA ASN B 119 -9.33 4.17 -31.84
C ASN B 119 -10.24 5.05 -32.70
N CYS B 120 -10.49 4.62 -33.94
CA CYS B 120 -11.19 5.44 -34.93
C CYS B 120 -12.31 4.62 -35.56
N ASN B 121 -12.61 3.49 -34.92
CA ASN B 121 -13.57 2.53 -35.43
C ASN B 121 -14.76 2.42 -34.47
N PRO B 122 -15.81 3.26 -34.64
CA PRO B 122 -16.91 3.29 -33.67
C PRO B 122 -17.71 1.99 -33.69
N GLU B 123 -17.53 1.18 -34.75
CA GLU B 123 -18.35 0.00 -35.01
C GLU B 123 -17.58 -1.27 -34.67
N ARG B 124 -16.72 -1.24 -33.66
CA ARG B 124 -15.78 -2.34 -33.43
C ARG B 124 -16.41 -3.38 -32.50
N ASP B 125 -15.82 -4.59 -32.49
CA ASP B 125 -16.40 -5.72 -31.78
C ASP B 125 -16.24 -5.55 -30.28
N SER B 126 -14.99 -5.37 -29.85
CA SER B 126 -14.54 -5.46 -28.46
C SER B 126 -13.74 -4.20 -28.11
N ILE B 127 -13.82 -3.73 -26.86
CA ILE B 127 -13.13 -2.52 -26.42
C ILE B 127 -11.62 -2.76 -26.43
N TYR B 128 -11.23 -4.04 -26.32
CA TYR B 128 -9.83 -4.44 -26.28
C TYR B 128 -9.17 -4.33 -27.66
N ASP B 129 -9.89 -3.83 -28.67
CA ASP B 129 -9.36 -3.69 -30.03
C ASP B 129 -9.22 -2.22 -30.39
N ILE B 130 -7.99 -1.76 -30.58
CA ILE B 130 -7.80 -0.41 -31.07
C ILE B 130 -7.50 -0.51 -32.57
N TYR B 131 -8.30 0.19 -33.37
CA TYR B 131 -8.12 0.32 -34.79
C TYR B 131 -7.59 1.71 -35.08
N LEU B 132 -6.48 1.79 -35.84
CA LEU B 132 -5.74 3.03 -36.06
C LEU B 132 -5.95 3.57 -37.47
N GLU B 133 -5.91 4.89 -37.62
CA GLU B 133 -5.79 5.50 -38.95
C GLU B 133 -4.40 5.14 -39.49
N PRO B 134 -4.25 4.88 -40.81
CA PRO B 134 -3.08 4.14 -41.30
C PRO B 134 -1.78 4.94 -41.45
N ASN B 135 -1.73 6.14 -40.87
CA ASN B 135 -0.51 6.95 -40.81
C ASN B 135 0.46 6.44 -39.74
N LYS B 136 1.75 6.74 -39.94
CA LYS B 136 2.83 6.15 -39.16
C LYS B 136 2.95 6.87 -37.82
N ASN B 137 2.70 8.19 -37.79
CA ASN B 137 2.86 8.95 -36.56
C ASN B 137 2.12 8.28 -35.41
N VAL B 138 0.86 7.89 -35.63
CA VAL B 138 0.02 7.49 -34.52
C VAL B 138 0.30 6.02 -34.17
N LEU B 139 0.80 5.25 -35.14
CA LEU B 139 1.18 3.87 -34.86
C LEU B 139 2.33 3.84 -33.85
N MET B 140 3.30 4.77 -33.97
CA MET B 140 4.45 4.85 -33.08
C MET B 140 4.03 5.27 -31.67
N LYS B 141 3.15 6.27 -31.56
CA LYS B 141 2.55 6.65 -30.28
C LYS B 141 1.90 5.44 -29.63
N PHE B 142 1.21 4.62 -30.44
CA PHE B 142 0.47 3.49 -29.91
C PHE B 142 1.46 2.46 -29.39
N ALA B 143 2.47 2.13 -30.20
CA ALA B 143 3.41 1.09 -29.86
C ALA B 143 4.16 1.50 -28.60
N VAL B 144 4.61 2.76 -28.56
CA VAL B 144 5.40 3.24 -27.45
C VAL B 144 4.68 2.97 -26.12
N LEU B 145 3.37 3.27 -26.06
CA LEU B 145 2.58 3.03 -24.87
C LEU B 145 1.88 1.66 -24.86
N TYR B 146 2.25 0.76 -25.76
CA TYR B 146 1.89 -0.63 -25.59
C TYR B 146 2.81 -1.23 -24.51
N LEU B 147 2.45 -0.98 -23.26
CA LEU B 147 3.32 -1.35 -22.16
C LEU B 147 3.10 -2.81 -21.75
N PRO B 148 4.09 -3.46 -21.11
CA PRO B 148 3.90 -4.78 -20.53
C PRO B 148 2.57 -5.07 -19.81
N GLU B 149 2.00 -4.08 -19.12
CA GLU B 149 0.84 -4.34 -18.30
C GLU B 149 -0.44 -4.01 -19.06
N SER B 150 -0.34 -3.89 -20.41
CA SER B 150 -1.47 -3.56 -21.26
C SER B 150 -2.44 -4.72 -21.29
N ASN B 151 -3.72 -4.39 -21.43
CA ASN B 151 -4.77 -5.37 -21.67
C ASN B 151 -5.25 -5.29 -23.13
N VAL B 152 -4.77 -4.27 -23.86
CA VAL B 152 -5.19 -4.05 -25.23
C VAL B 152 -4.66 -5.19 -26.11
N ASN B 153 -5.49 -5.60 -27.08
CA ASN B 153 -5.13 -6.64 -28.03
C ASN B 153 -4.14 -6.13 -29.07
N LEU B 154 -3.06 -6.88 -29.24
CA LEU B 154 -2.14 -6.68 -30.33
C LEU B 154 -1.86 -8.04 -30.95
N ASN B 155 -1.98 -8.11 -32.28
CA ASN B 155 -1.54 -9.28 -33.02
C ASN B 155 -0.24 -8.93 -33.73
N LEU B 156 0.78 -9.76 -33.53
CA LEU B 156 2.13 -9.46 -34.00
C LEU B 156 2.22 -9.52 -35.54
N ASP B 157 1.51 -10.48 -36.13
CA ASP B 157 1.50 -10.60 -37.57
C ASP B 157 0.93 -9.31 -38.15
N THR B 158 -0.17 -8.80 -37.55
CA THR B 158 -0.85 -7.65 -38.11
C THR B 158 0.11 -6.46 -38.08
N MET B 159 0.70 -6.26 -36.90
CA MET B 159 1.68 -5.22 -36.63
C MET B 159 2.91 -5.39 -37.53
N TRP B 160 3.42 -6.62 -37.63
CA TRP B 160 4.65 -6.89 -38.35
C TRP B 160 4.50 -6.56 -39.85
N GLU B 161 3.29 -6.71 -40.38
CA GLU B 161 2.99 -6.42 -41.78
C GLU B 161 2.87 -4.90 -41.98
N THR B 162 2.46 -4.18 -40.94
CA THR B 162 2.26 -2.74 -41.00
C THR B 162 3.62 -2.04 -41.02
N ASP B 163 4.56 -2.49 -40.18
CA ASP B 163 5.88 -1.86 -40.09
C ASP B 163 6.81 -2.78 -39.30
N LYS B 164 7.65 -3.53 -40.02
CA LYS B 164 8.63 -4.42 -39.42
C LYS B 164 9.40 -3.70 -38.30
N ASN B 165 9.79 -2.45 -38.55
CA ASN B 165 10.70 -1.73 -37.68
C ASN B 165 10.08 -1.46 -36.32
N ILE B 166 8.86 -0.92 -36.31
CA ILE B 166 8.15 -0.64 -35.08
C ILE B 166 7.93 -1.96 -34.33
N CYS B 167 7.34 -2.94 -35.02
CA CYS B 167 6.99 -4.20 -34.39
C CYS B 167 8.21 -4.79 -33.70
N GLY B 168 9.36 -4.70 -34.38
CA GLY B 168 10.59 -5.22 -33.83
C GLY B 168 11.00 -4.43 -32.58
N SER B 169 10.96 -3.11 -32.70
CA SER B 169 11.27 -2.20 -31.61
C SER B 169 10.42 -2.51 -30.37
N LEU B 170 9.12 -2.67 -30.53
CA LEU B 170 8.27 -2.99 -29.39
C LEU B 170 8.62 -4.37 -28.80
N CYS B 171 8.99 -5.35 -29.64
CA CYS B 171 9.35 -6.66 -29.11
C CYS B 171 10.62 -6.52 -28.28
N PHE B 172 11.51 -5.62 -28.72
CA PHE B 172 12.73 -5.34 -27.98
C PHE B 172 12.34 -4.77 -26.63
N ALA B 173 11.52 -3.73 -26.68
CA ALA B 173 11.13 -3.03 -25.47
C ALA B 173 10.55 -4.01 -24.45
N LEU B 174 9.76 -5.02 -24.91
CA LEU B 174 8.98 -5.83 -23.97
C LEU B 174 9.84 -6.93 -23.39
N GLN B 175 11.02 -7.19 -23.97
CA GLN B 175 11.92 -8.14 -23.34
C GLN B 175 12.86 -7.40 -22.39
N SER B 176 12.85 -6.06 -22.43
CA SER B 176 13.87 -5.24 -21.82
C SER B 176 13.78 -5.12 -20.28
N PRO B 177 12.61 -5.05 -19.62
CA PRO B 177 12.55 -4.88 -18.15
C PRO B 177 13.24 -5.94 -17.28
N ARG B 178 13.81 -5.49 -16.15
CA ARG B 178 14.45 -6.41 -15.20
C ARG B 178 13.42 -7.02 -14.26
N PHE B 179 12.15 -6.57 -14.36
CA PHE B 179 11.03 -7.28 -13.77
C PHE B 179 9.96 -7.53 -14.82
N ILE B 180 9.83 -8.81 -15.24
CA ILE B 180 8.82 -9.24 -16.19
C ILE B 180 8.15 -10.45 -15.56
N GLY B 181 7.36 -10.20 -14.49
CA GLY B 181 6.86 -11.24 -13.61
C GLY B 181 5.33 -11.36 -13.56
N THR B 182 4.64 -10.24 -13.77
CA THR B 182 3.20 -10.19 -13.75
C THR B 182 2.69 -11.05 -14.90
N PRO B 183 1.49 -11.65 -14.78
CA PRO B 183 0.95 -12.48 -15.86
C PRO B 183 0.90 -11.75 -17.20
N ALA B 184 0.53 -10.46 -17.20
CA ALA B 184 0.43 -9.71 -18.44
C ALA B 184 1.82 -9.52 -19.09
N ALA B 185 2.84 -9.18 -18.29
CA ALA B 185 4.19 -8.98 -18.81
C ALA B 185 4.83 -10.31 -19.25
N PHE B 186 4.71 -11.36 -18.44
CA PHE B 186 5.44 -12.61 -18.64
C PHE B 186 4.93 -13.34 -19.89
N SER B 187 3.67 -13.06 -20.21
CA SER B 187 2.94 -13.70 -21.28
C SER B 187 3.21 -12.95 -22.57
N LYS B 188 3.27 -11.62 -22.48
CA LYS B 188 3.76 -10.82 -23.59
C LYS B 188 5.13 -11.36 -24.00
N ARG B 189 6.02 -11.62 -23.04
CA ARG B 189 7.39 -12.01 -23.33
C ARG B 189 7.44 -13.46 -23.82
N SER B 190 6.73 -14.40 -23.15
CA SER B 190 6.68 -15.79 -23.61
C SER B 190 6.39 -15.86 -25.11
N THR B 191 5.34 -15.14 -25.53
CA THR B 191 4.86 -15.16 -26.89
C THR B 191 5.93 -14.63 -27.85
N ILE B 192 6.62 -13.54 -27.44
CA ILE B 192 7.68 -12.89 -28.21
C ILE B 192 8.79 -13.90 -28.50
N LEU B 193 9.17 -14.68 -27.46
CA LEU B 193 10.29 -15.60 -27.56
C LEU B 193 10.04 -16.69 -28.61
N GLN B 194 8.79 -17.11 -28.76
CA GLN B 194 8.39 -18.09 -29.77
C GLN B 194 8.24 -17.48 -31.16
N TRP B 195 7.62 -16.29 -31.26
CA TRP B 195 7.23 -15.69 -32.54
C TRP B 195 8.34 -14.85 -33.21
N PHE B 196 9.16 -14.14 -32.42
CA PHE B 196 10.00 -13.05 -32.89
C PHE B 196 11.25 -13.52 -33.61
N PRO B 197 11.99 -14.55 -33.10
CA PRO B 197 13.27 -14.94 -33.70
C PRO B 197 13.27 -15.06 -35.23
N ALA B 198 12.25 -15.74 -35.80
CA ALA B 198 12.07 -15.80 -37.25
C ALA B 198 12.03 -14.42 -37.90
N LYS B 199 11.28 -13.47 -37.31
CA LYS B 199 11.16 -12.12 -37.84
C LYS B 199 12.41 -11.30 -37.55
N LEU B 200 13.18 -11.67 -36.53
CA LEU B 200 14.35 -10.87 -36.15
C LEU B 200 15.53 -11.13 -37.10
N GLU B 201 15.78 -12.41 -37.45
CA GLU B 201 16.74 -12.78 -38.48
C GLU B 201 16.68 -11.82 -39.66
N GLN B 202 15.48 -11.41 -40.06
CA GLN B 202 15.28 -10.66 -41.30
C GLN B 202 15.84 -9.24 -41.25
N PHE B 203 16.33 -8.77 -40.11
CA PHE B 203 16.93 -7.44 -40.03
C PHE B 203 18.39 -7.45 -40.52
N HIS B 204 18.75 -6.42 -41.29
CA HIS B 204 20.08 -6.33 -41.86
C HIS B 204 20.99 -5.52 -40.92
N VAL B 205 20.38 -4.68 -40.08
CA VAL B 205 21.08 -3.67 -39.29
C VAL B 205 20.35 -3.47 -37.96
N LEU B 206 21.02 -2.82 -36.98
CA LEU B 206 20.38 -2.38 -35.74
C LEU B 206 19.94 -0.92 -35.83
N ASP B 207 20.19 -0.30 -36.99
CA ASP B 207 19.92 1.11 -37.25
C ASP B 207 18.50 1.48 -36.78
N ASP B 208 17.51 0.64 -37.08
CA ASP B 208 16.11 1.03 -36.89
C ASP B 208 15.46 0.36 -35.66
N LEU B 209 16.29 -0.24 -34.80
CA LEU B 209 15.84 -0.87 -33.57
C LEU B 209 16.40 -0.11 -32.37
N PRO B 210 15.90 -0.38 -31.14
CA PRO B 210 16.47 0.21 -29.93
C PRO B 210 17.71 -0.60 -29.53
N SER B 211 18.79 -0.26 -30.23
CA SER B 211 20.07 -0.94 -30.15
C SER B 211 20.56 -1.02 -28.71
N ASN B 212 20.38 0.06 -27.95
CA ASN B 212 20.93 0.20 -26.61
C ASN B 212 20.34 -0.74 -25.55
N ILE B 213 19.21 -1.41 -25.81
CA ILE B 213 18.70 -2.39 -24.85
C ILE B 213 18.83 -3.80 -25.44
N SER B 214 19.60 -3.96 -26.53
CA SER B 214 19.82 -5.26 -27.14
C SER B 214 20.33 -6.26 -26.10
N HIS B 215 21.19 -5.80 -25.21
CA HIS B 215 21.90 -6.75 -24.37
C HIS B 215 20.92 -7.30 -23.34
N ASP B 216 19.98 -6.43 -22.93
CA ASP B 216 18.91 -6.83 -22.03
C ASP B 216 18.09 -7.92 -22.72
N VAL B 217 17.85 -7.79 -24.03
CA VAL B 217 17.09 -8.78 -24.78
C VAL B 217 17.79 -10.13 -24.66
N TYR B 218 19.09 -10.13 -24.90
CA TYR B 218 19.95 -11.30 -24.93
C TYR B 218 19.96 -11.99 -23.58
N MET B 219 20.05 -11.21 -22.51
CA MET B 219 20.15 -11.80 -21.20
C MET B 219 18.79 -12.32 -20.72
N HIS B 220 17.72 -11.57 -20.97
CA HIS B 220 16.48 -11.73 -20.22
C HIS B 220 15.69 -12.96 -20.68
N CYS B 221 15.93 -13.46 -21.89
CA CYS B 221 15.21 -14.63 -22.37
C CYS B 221 15.48 -15.85 -21.49
N SER B 222 16.59 -15.86 -20.72
CA SER B 222 16.93 -16.99 -19.86
C SER B 222 15.98 -17.09 -18.65
N TYR B 223 15.11 -16.08 -18.45
CA TYR B 223 14.17 -16.08 -17.35
C TYR B 223 12.76 -16.56 -17.76
N ASP B 224 12.52 -16.83 -19.04
CA ASP B 224 11.30 -17.54 -19.44
C ASP B 224 11.41 -18.99 -18.99
N THR B 225 10.38 -19.76 -19.31
CA THR B 225 10.24 -21.15 -18.89
C THR B 225 10.30 -22.09 -20.08
N ALA B 226 10.25 -21.54 -21.31
CA ALA B 226 10.24 -22.35 -22.51
C ALA B 226 11.59 -23.05 -22.69
N GLU B 227 11.55 -24.32 -23.11
CA GLU B 227 12.77 -25.09 -23.33
C GLU B 227 13.68 -24.32 -24.29
N ASN B 228 13.06 -23.68 -25.29
CA ASN B 228 13.77 -23.08 -26.42
C ASN B 228 13.80 -21.55 -26.33
N LYS B 229 13.83 -21.01 -25.10
CA LYS B 229 13.76 -19.58 -24.87
C LYS B 229 14.90 -18.84 -25.58
N HIS B 230 16.08 -19.46 -25.62
CA HIS B 230 17.30 -18.83 -26.07
C HIS B 230 17.33 -18.53 -27.58
N ASN B 231 16.36 -19.04 -28.34
CA ASN B 231 16.33 -18.88 -29.78
C ASN B 231 16.57 -17.42 -30.18
N VAL B 232 16.00 -16.45 -29.46
CA VAL B 232 16.13 -15.05 -29.86
C VAL B 232 17.60 -14.66 -29.91
N LYS B 233 18.47 -15.35 -29.14
CA LYS B 233 19.89 -15.04 -29.10
C LYS B 233 20.55 -15.35 -30.44
N LYS B 234 20.15 -16.46 -31.08
CA LYS B 234 20.64 -16.81 -32.41
C LYS B 234 20.25 -15.70 -33.38
N ALA B 235 18.96 -15.37 -33.41
CA ALA B 235 18.46 -14.43 -34.39
C ALA B 235 19.15 -13.08 -34.22
N LEU B 236 19.47 -12.70 -32.98
CA LEU B 236 20.08 -11.41 -32.68
C LEU B 236 21.56 -11.40 -33.11
N ASN B 237 22.27 -12.49 -32.78
CA ASN B 237 23.61 -12.75 -33.28
C ASN B 237 23.71 -12.45 -34.77
N GLN B 238 22.84 -13.07 -35.60
CA GLN B 238 22.83 -12.90 -37.04
C GLN B 238 22.73 -11.43 -37.42
N VAL B 239 21.79 -10.71 -36.81
CA VAL B 239 21.59 -9.31 -37.09
C VAL B 239 22.84 -8.52 -36.74
N ILE B 240 23.43 -8.82 -35.58
CA ILE B 240 24.62 -8.10 -35.13
C ILE B 240 25.75 -8.33 -36.12
N ARG B 241 25.95 -9.60 -36.48
CA ARG B 241 26.95 -10.03 -37.45
C ARG B 241 26.76 -9.30 -38.77
N SER B 242 25.55 -9.44 -39.37
CA SER B 242 25.16 -8.64 -40.52
C SER B 242 25.53 -7.15 -40.35
N HIS B 243 25.18 -6.54 -39.21
CA HIS B 243 25.39 -5.12 -38.97
C HIS B 243 26.88 -4.79 -38.92
N LEU B 244 27.68 -5.76 -38.48
CA LEU B 244 29.13 -5.64 -38.32
C LEU B 244 29.81 -5.55 -39.68
N LEU B 245 29.40 -6.43 -40.62
CA LEU B 245 29.93 -6.52 -41.97
C LEU B 245 29.54 -5.29 -42.80
N LYS B 246 28.32 -4.78 -42.65
CA LYS B 246 27.90 -3.60 -43.40
C LYS B 246 28.62 -2.38 -42.85
N CYS B 247 29.24 -2.48 -41.66
CA CYS B 247 30.08 -1.41 -41.14
C CYS B 247 31.44 -1.44 -41.81
N GLY B 248 31.81 -2.60 -42.36
CA GLY B 248 33.12 -2.83 -42.95
C GLY B 248 34.06 -3.49 -41.95
N TRP B 249 33.72 -4.71 -41.51
CA TRP B 249 34.51 -5.41 -40.51
C TRP B 249 35.38 -6.43 -41.24
N GLN B 250 36.65 -6.50 -40.86
CA GLN B 250 37.51 -7.56 -41.36
C GLN B 250 37.85 -8.45 -40.16
N ASP B 251 37.35 -9.69 -40.20
CA ASP B 251 37.77 -10.73 -39.28
C ASP B 251 39.31 -10.74 -39.21
N ARG B 252 39.87 -10.79 -38.00
CA ARG B 252 41.30 -10.82 -37.85
C ARG B 252 41.84 -12.13 -38.43
N GLN B 253 42.97 -12.04 -39.17
CA GLN B 253 43.53 -13.15 -39.93
C GLN B 253 44.48 -13.98 -39.08
N ILE B 254 44.24 -15.30 -39.01
CA ILE B 254 45.00 -16.22 -38.17
C ILE B 254 46.21 -16.75 -38.95
N THR B 255 47.41 -16.27 -38.58
CA THR B 255 48.67 -16.59 -39.27
C THR B 255 49.66 -17.22 -38.29
N GLN B 256 50.12 -16.43 -37.30
CA GLN B 256 51.13 -16.88 -36.36
C GLN B 256 50.45 -17.12 -35.00
N ILE B 257 51.20 -17.52 -33.97
CA ILE B 257 50.71 -17.60 -32.60
C ILE B 257 51.78 -17.04 -31.65
N GLY B 258 51.68 -15.75 -31.33
CA GLY B 258 52.66 -15.07 -30.50
C GLY B 258 52.78 -15.70 -29.11
N MET B 259 54.02 -15.79 -28.62
CA MET B 259 54.29 -16.24 -27.26
C MET B 259 54.76 -15.04 -26.44
N ARG B 260 54.61 -15.14 -25.12
CA ARG B 260 55.22 -14.18 -24.21
C ARG B 260 55.74 -14.92 -22.98
N ASN B 261 57.05 -14.78 -22.73
CA ASN B 261 57.70 -15.46 -21.62
C ASN B 261 57.40 -16.96 -21.73
N GLY B 262 57.43 -17.46 -22.98
CA GLY B 262 57.26 -18.87 -23.27
C GLY B 262 55.84 -19.19 -23.71
N LYS B 263 54.89 -18.81 -22.85
CA LYS B 263 53.50 -19.21 -22.94
C LYS B 263 52.75 -18.39 -24.00
N PRO B 264 51.73 -18.94 -24.68
CA PRO B 264 50.90 -18.18 -25.62
C PRO B 264 49.99 -17.17 -24.93
N VAL B 265 49.45 -16.23 -25.73
CA VAL B 265 48.77 -15.06 -25.21
C VAL B 265 47.27 -15.29 -25.22
N MET B 266 46.63 -14.99 -24.07
CA MET B 266 45.19 -15.10 -23.88
C MET B 266 44.61 -13.72 -23.58
N VAL B 267 43.64 -13.29 -24.40
CA VAL B 267 42.96 -12.01 -24.25
C VAL B 267 41.63 -12.25 -23.52
N VAL B 268 41.45 -11.57 -22.37
CA VAL B 268 40.25 -11.66 -21.57
C VAL B 268 39.47 -10.35 -21.67
N VAL B 269 38.25 -10.42 -22.25
CA VAL B 269 37.38 -9.26 -22.41
C VAL B 269 36.33 -9.28 -21.29
N LEU B 270 36.33 -8.24 -20.43
CA LEU B 270 35.58 -8.21 -19.18
C LEU B 270 34.35 -7.30 -19.28
N GLU B 271 33.27 -7.68 -18.57
CA GLU B 271 32.08 -6.87 -18.58
C GLU B 271 31.98 -6.08 -17.27
N HIS B 272 31.63 -6.75 -16.18
CA HIS B 272 31.50 -6.10 -14.89
C HIS B 272 32.47 -6.76 -13.94
N PHE B 273 33.72 -6.26 -13.92
CA PHE B 273 34.78 -6.86 -13.11
C PHE B 273 35.29 -5.83 -12.10
N HIS B 274 34.87 -6.00 -10.85
CA HIS B 274 35.47 -5.33 -9.70
C HIS B 274 35.68 -6.48 -8.71
N SER B 275 36.53 -6.31 -7.70
CA SER B 275 36.77 -7.41 -6.77
C SER B 275 35.54 -7.67 -5.92
N SER B 276 34.58 -6.73 -5.93
CA SER B 276 33.34 -6.85 -5.18
C SER B 276 32.23 -7.52 -5.99
N HIS B 277 32.25 -7.43 -7.33
CA HIS B 277 31.29 -8.14 -8.18
C HIS B 277 31.57 -9.65 -8.10
N SER B 278 30.57 -10.50 -8.37
CA SER B 278 30.67 -11.93 -8.18
C SER B 278 31.39 -12.60 -9.34
N ILE B 279 31.53 -11.89 -10.46
CA ILE B 279 32.30 -12.39 -11.59
C ILE B 279 33.74 -12.66 -11.13
N TYR B 280 34.25 -11.85 -10.19
CA TYR B 280 35.58 -12.01 -9.62
C TYR B 280 35.57 -13.18 -8.64
N ARG B 281 34.64 -13.14 -7.70
CA ARG B 281 34.58 -14.11 -6.62
C ARG B 281 34.55 -15.54 -7.18
N THR B 282 34.09 -15.73 -8.42
CA THR B 282 33.92 -17.08 -8.97
C THR B 282 35.06 -17.45 -9.93
N HIS B 283 35.33 -16.58 -10.92
CA HIS B 283 36.13 -16.95 -12.09
C HIS B 283 37.50 -16.25 -12.12
N SER B 284 37.96 -15.68 -11.00
CA SER B 284 39.27 -15.01 -10.94
C SER B 284 40.36 -16.03 -10.60
N THR B 285 40.02 -16.98 -9.74
CA THR B 285 40.96 -17.97 -9.22
C THR B 285 41.43 -18.89 -10.33
N SER B 286 40.50 -19.30 -11.20
CA SER B 286 40.81 -20.18 -12.31
C SER B 286 41.66 -19.44 -13.35
N MET B 287 41.53 -18.11 -13.38
CA MET B 287 42.23 -17.29 -14.36
C MET B 287 43.71 -17.16 -13.97
N ILE B 288 44.00 -17.00 -12.67
CA ILE B 288 45.37 -16.91 -12.17
C ILE B 288 46.06 -18.26 -12.38
N ALA B 289 45.32 -19.35 -12.13
CA ALA B 289 45.83 -20.71 -12.28
C ALA B 289 46.14 -21.03 -13.75
N ALA B 290 45.86 -20.10 -14.65
CA ALA B 290 46.13 -20.28 -16.08
C ALA B 290 47.24 -19.35 -16.57
N ARG B 291 47.75 -18.47 -15.69
CA ARG B 291 48.92 -17.66 -16.01
C ARG B 291 50.19 -18.52 -16.04
N GLU B 292 50.16 -19.69 -15.39
CA GLU B 292 51.32 -20.58 -15.47
C GLU B 292 51.24 -21.39 -16.76
N GLN B 293 50.10 -21.40 -17.46
CA GLN B 293 50.00 -22.03 -18.78
C GLN B 293 49.98 -20.98 -19.90
N PHE B 294 49.49 -19.75 -19.61
CA PHE B 294 49.29 -18.70 -20.62
C PHE B 294 49.78 -17.34 -20.12
N TYR B 295 49.80 -16.36 -21.03
CA TYR B 295 50.01 -14.96 -20.66
C TYR B 295 48.69 -14.18 -20.84
N LEU B 296 48.24 -13.48 -19.79
CA LEU B 296 46.89 -12.91 -19.73
C LEU B 296 46.89 -11.38 -19.90
N ILE B 297 46.32 -10.94 -21.04
CA ILE B 297 45.96 -9.54 -21.25
C ILE B 297 44.46 -9.38 -20.95
N GLY B 298 44.14 -8.66 -19.85
CA GLY B 298 42.76 -8.38 -19.50
C GLY B 298 42.30 -6.98 -19.94
N LEU B 299 41.21 -6.91 -20.73
CA LEU B 299 40.66 -5.64 -21.20
C LEU B 299 39.33 -5.34 -20.50
N GLY B 300 39.36 -4.37 -19.58
CA GLY B 300 38.19 -3.90 -18.83
C GLY B 300 37.91 -2.42 -19.07
N ASN B 301 37.27 -1.75 -18.08
CA ASN B 301 37.05 -0.31 -18.12
C ASN B 301 37.66 0.31 -16.87
N ASN B 302 37.59 1.64 -16.75
CA ASN B 302 38.16 2.35 -15.61
C ASN B 302 37.63 1.80 -14.28
N ALA B 303 36.34 1.43 -14.20
CA ALA B 303 35.69 1.05 -12.95
C ALA B 303 36.44 -0.07 -12.22
N VAL B 304 37.15 -0.93 -12.97
CA VAL B 304 37.90 -2.06 -12.41
C VAL B 304 38.96 -1.55 -11.43
N ASP B 305 38.83 -1.96 -10.16
CA ASP B 305 39.76 -1.56 -9.11
C ASP B 305 41.10 -2.27 -9.28
N GLN B 306 42.07 -1.91 -8.42
CA GLN B 306 43.45 -2.34 -8.57
C GLN B 306 43.54 -3.86 -8.41
N ALA B 307 42.94 -4.40 -7.34
CA ALA B 307 42.92 -5.83 -7.05
C ALA B 307 42.36 -6.64 -8.23
N GLY B 308 41.51 -5.99 -9.04
CA GLY B 308 40.92 -6.61 -10.21
C GLY B 308 41.89 -6.73 -11.39
N ARG B 309 42.72 -5.70 -11.57
CA ARG B 309 43.66 -5.67 -12.69
C ARG B 309 44.82 -6.62 -12.40
N ASP B 310 45.10 -6.81 -11.10
CA ASP B 310 46.22 -7.60 -10.62
C ASP B 310 45.97 -9.11 -10.78
N VAL B 311 44.93 -9.50 -11.52
CA VAL B 311 44.73 -10.92 -11.80
C VAL B 311 45.20 -11.19 -13.23
N PHE B 312 45.81 -10.18 -13.87
CA PHE B 312 46.26 -10.27 -15.25
C PHE B 312 47.76 -10.00 -15.32
N ASP B 313 48.43 -10.71 -16.23
CA ASP B 313 49.82 -10.40 -16.48
C ASP B 313 49.89 -8.93 -16.88
N GLU B 314 48.81 -8.40 -17.51
CA GLU B 314 48.68 -6.96 -17.70
C GLU B 314 47.27 -6.58 -18.13
N PHE B 315 46.85 -5.35 -17.76
CA PHE B 315 45.47 -4.90 -17.88
C PHE B 315 45.39 -3.58 -18.65
N HIS B 316 44.46 -3.52 -19.62
CA HIS B 316 44.18 -2.31 -20.39
C HIS B 316 42.74 -1.84 -20.20
N GLU B 317 42.53 -0.51 -20.22
CA GLU B 317 41.19 0.08 -20.13
C GLU B 317 40.57 0.17 -21.53
N PHE B 318 39.26 -0.06 -21.60
CA PHE B 318 38.51 0.17 -22.83
C PHE B 318 38.26 1.66 -23.00
N ASP B 319 38.50 2.13 -24.22
CA ASP B 319 38.68 3.54 -24.54
C ASP B 319 37.35 4.16 -24.99
N GLY B 320 36.42 4.31 -24.04
CA GLY B 320 35.13 4.95 -24.29
C GLY B 320 33.97 3.95 -24.24
N SER B 321 32.84 4.36 -24.83
CA SER B 321 31.61 3.56 -24.90
C SER B 321 31.34 3.05 -26.33
N ASN B 322 32.00 3.66 -27.33
CA ASN B 322 31.82 3.35 -28.75
C ASN B 322 32.21 1.90 -29.04
N ILE B 323 31.26 1.11 -29.57
CA ILE B 323 31.42 -0.33 -29.76
C ILE B 323 32.51 -0.61 -30.79
N LEU B 324 32.40 0.04 -31.95
CA LEU B 324 33.31 -0.17 -33.06
C LEU B 324 34.76 0.15 -32.66
N LYS B 325 34.98 1.26 -31.96
CA LYS B 325 36.29 1.54 -31.37
C LYS B 325 36.74 0.43 -30.42
N LYS B 326 35.86 -0.03 -29.51
CA LYS B 326 36.20 -1.10 -28.59
C LYS B 326 36.69 -2.33 -29.37
N LEU B 327 36.13 -2.56 -30.58
CA LEU B 327 36.46 -3.72 -31.40
C LEU B 327 37.77 -3.50 -32.14
N ALA B 328 37.97 -2.26 -32.62
CA ALA B 328 39.22 -1.83 -33.23
C ALA B 328 40.38 -2.05 -32.24
N PHE B 329 40.20 -1.57 -31.01
CA PHE B 329 41.23 -1.68 -29.97
C PHE B 329 41.53 -3.15 -29.66
N LEU B 330 40.57 -4.04 -29.90
CA LEU B 330 40.72 -5.45 -29.57
C LEU B 330 41.37 -6.19 -30.74
N LYS B 331 41.08 -5.75 -31.97
CA LYS B 331 41.67 -6.34 -33.17
C LYS B 331 43.19 -6.14 -33.16
N GLU B 332 43.61 -4.87 -33.03
CA GLU B 332 45.02 -4.51 -32.99
C GLU B 332 45.73 -5.17 -31.80
N MET B 333 45.00 -5.35 -30.69
CA MET B 333 45.55 -5.98 -29.50
C MET B 333 45.79 -7.46 -29.73
N CYS B 334 45.02 -8.06 -30.64
CA CYS B 334 45.11 -9.49 -30.91
C CYS B 334 46.07 -9.76 -32.06
N GLU B 335 46.19 -8.81 -32.99
CA GLU B 335 47.13 -8.90 -34.11
C GLU B 335 48.56 -8.71 -33.58
N LYS B 336 48.75 -7.70 -32.72
CA LYS B 336 50.04 -7.36 -32.13
C LYS B 336 50.53 -8.45 -31.17
N ASN B 337 49.70 -9.46 -30.90
CA ASN B 337 50.09 -10.55 -30.03
C ASN B 337 49.80 -11.89 -30.69
N ASP B 338 49.46 -11.87 -31.99
CA ASP B 338 48.91 -13.03 -32.69
C ASP B 338 48.22 -13.93 -31.65
N ALA B 339 47.25 -13.36 -30.91
CA ALA B 339 46.65 -13.97 -29.74
C ALA B 339 46.11 -15.38 -30.05
N ALA B 340 46.12 -16.24 -29.03
CA ALA B 340 45.73 -17.63 -29.19
C ALA B 340 44.29 -17.87 -28.72
N VAL B 341 43.93 -17.31 -27.55
CA VAL B 341 42.70 -17.64 -26.86
C VAL B 341 41.99 -16.34 -26.43
N LEU B 342 40.68 -16.25 -26.76
CA LEU B 342 39.80 -15.20 -26.28
C LEU B 342 38.83 -15.82 -25.26
N TYR B 343 38.87 -15.32 -24.00
CA TYR B 343 38.02 -15.79 -22.91
C TYR B 343 37.18 -14.61 -22.40
N MET B 344 35.86 -14.80 -22.40
CA MET B 344 34.94 -13.86 -21.80
C MET B 344 34.22 -14.60 -20.66
N PRO B 345 34.44 -14.24 -19.38
CA PRO B 345 33.85 -14.98 -18.27
C PRO B 345 32.35 -14.75 -18.08
N SER B 346 31.88 -13.54 -18.45
CA SER B 346 30.46 -13.23 -18.63
C SER B 346 30.25 -12.76 -20.07
N ILE B 347 29.18 -13.24 -20.71
CA ILE B 347 28.73 -12.59 -21.93
C ILE B 347 27.23 -12.30 -21.83
N GLY B 348 26.89 -11.02 -22.02
CA GLY B 348 25.51 -10.53 -21.99
C GLY B 348 25.38 -9.16 -21.32
N MET B 349 26.15 -8.93 -20.26
CA MET B 349 25.98 -7.76 -19.43
C MET B 349 26.34 -6.48 -20.18
N ASP B 350 27.29 -6.56 -21.10
CA ASP B 350 27.68 -5.41 -21.93
C ASP B 350 27.38 -5.77 -23.38
N LEU B 351 26.80 -4.83 -24.11
CA LEU B 351 26.46 -5.11 -25.52
C LEU B 351 27.71 -5.41 -26.34
N ALA B 352 28.80 -4.64 -26.10
CA ALA B 352 30.02 -4.73 -26.90
C ALA B 352 30.60 -6.14 -26.86
N THR B 353 30.38 -6.86 -25.75
CA THR B 353 30.79 -8.25 -25.64
C THR B 353 29.99 -9.19 -26.56
N ILE B 354 28.73 -8.84 -26.83
CA ILE B 354 27.92 -9.64 -27.74
C ILE B 354 28.42 -9.43 -29.17
N PHE B 355 28.83 -8.19 -29.50
CA PHE B 355 29.41 -7.91 -30.80
C PHE B 355 30.71 -8.72 -30.99
N VAL B 356 31.55 -8.74 -29.95
CA VAL B 356 32.77 -9.54 -29.94
C VAL B 356 32.45 -11.02 -30.20
N SER B 357 31.38 -11.54 -29.58
CA SER B 357 31.06 -12.95 -29.66
C SER B 357 30.71 -13.39 -31.08
N ASN B 358 30.50 -12.41 -31.97
CA ASN B 358 30.12 -12.64 -33.37
C ASN B 358 31.23 -12.21 -34.33
N ALA B 359 32.49 -12.43 -33.95
CA ALA B 359 33.64 -12.11 -34.80
C ALA B 359 34.84 -12.95 -34.36
N ARG B 360 35.92 -12.87 -35.16
CA ARG B 360 37.09 -13.74 -35.02
C ARG B 360 38.30 -12.90 -34.58
N PHE B 361 38.78 -13.16 -33.36
CA PHE B 361 39.89 -12.44 -32.76
C PHE B 361 40.97 -13.42 -32.31
N ALA B 362 40.66 -14.71 -32.45
CA ALA B 362 41.50 -15.77 -31.91
C ALA B 362 40.97 -17.09 -32.45
N PRO B 363 41.84 -18.11 -32.57
CA PRO B 363 41.41 -19.43 -33.05
C PRO B 363 40.68 -20.28 -32.00
N ILE B 364 40.86 -19.95 -30.71
CA ILE B 364 40.11 -20.59 -29.62
C ILE B 364 39.36 -19.52 -28.82
N GLN B 365 38.05 -19.38 -29.08
CA GLN B 365 37.22 -18.40 -28.39
C GLN B 365 36.27 -19.14 -27.42
N VAL B 366 36.33 -18.75 -26.15
CA VAL B 366 35.67 -19.41 -25.03
C VAL B 366 34.87 -18.40 -24.20
N ILE B 367 33.75 -18.84 -23.61
CA ILE B 367 32.99 -18.07 -22.62
C ILE B 367 32.86 -18.88 -21.33
N ALA B 368 32.47 -18.18 -20.26
CA ALA B 368 31.94 -18.82 -19.07
C ALA B 368 30.54 -18.26 -18.74
N LEU B 369 30.05 -18.60 -17.54
CA LEU B 369 28.63 -18.54 -17.26
C LEU B 369 28.32 -17.53 -16.15
N GLY B 370 29.12 -16.45 -16.13
CA GLY B 370 28.75 -15.26 -15.37
C GLY B 370 27.27 -14.93 -15.56
N HIS B 371 26.82 -14.98 -16.83
CA HIS B 371 25.42 -15.12 -17.18
C HIS B 371 25.21 -16.51 -17.77
N PRO B 372 24.57 -17.42 -17.00
CA PRO B 372 24.56 -18.86 -17.32
C PRO B 372 23.56 -19.32 -18.38
N ALA B 373 23.82 -18.93 -19.64
CA ALA B 373 22.89 -19.19 -20.73
C ALA B 373 23.49 -20.04 -21.87
N THR B 374 24.16 -19.39 -22.83
CA THR B 374 24.63 -19.96 -24.09
C THR B 374 24.72 -18.78 -25.03
N THR B 375 25.25 -18.93 -26.25
CA THR B 375 25.38 -17.79 -27.15
C THR B 375 24.69 -18.00 -28.49
N HIS B 376 24.51 -19.26 -28.91
CA HIS B 376 24.01 -19.55 -30.24
C HIS B 376 24.83 -18.86 -31.34
N SER B 377 26.12 -18.58 -31.07
CA SER B 377 27.04 -17.95 -32.00
C SER B 377 28.04 -18.97 -32.54
N GLU B 378 28.31 -18.91 -33.85
CA GLU B 378 29.25 -19.83 -34.49
C GLU B 378 30.69 -19.50 -34.15
N PHE B 379 31.00 -18.22 -33.88
CA PHE B 379 32.36 -17.79 -33.58
C PHE B 379 32.74 -18.07 -32.13
N ILE B 380 32.02 -18.97 -31.43
CA ILE B 380 32.35 -19.31 -30.06
C ILE B 380 32.36 -20.82 -29.92
N GLU B 381 33.52 -21.35 -29.49
CA GLU B 381 33.78 -22.77 -29.60
C GLU B 381 33.40 -23.47 -28.30
N TYR B 382 33.85 -22.95 -27.15
CA TYR B 382 33.77 -23.69 -25.89
C TYR B 382 33.15 -22.87 -24.76
N VAL B 383 32.74 -23.58 -23.70
CA VAL B 383 32.13 -22.99 -22.51
C VAL B 383 32.75 -23.65 -21.28
N ILE B 384 33.37 -22.82 -20.43
CA ILE B 384 33.89 -23.30 -19.15
C ILE B 384 32.73 -23.46 -18.16
N VAL B 385 32.69 -24.62 -17.47
CA VAL B 385 31.62 -24.88 -16.52
C VAL B 385 31.95 -26.11 -15.64
N GLU B 386 31.65 -25.98 -14.34
CA GLU B 386 31.79 -27.07 -13.38
C GLU B 386 30.83 -28.19 -13.75
N ASP B 387 31.24 -29.45 -13.57
CA ASP B 387 30.53 -30.59 -14.13
C ASP B 387 29.18 -30.82 -13.43
N ASP B 388 29.12 -30.59 -12.11
CA ASP B 388 27.91 -30.85 -11.33
C ASP B 388 26.85 -29.79 -11.59
N TYR B 389 27.18 -28.78 -12.41
CA TYR B 389 26.30 -27.66 -12.73
C TYR B 389 25.62 -27.86 -14.08
N VAL B 390 25.77 -29.04 -14.70
CA VAL B 390 25.28 -29.27 -16.05
C VAL B 390 24.09 -30.22 -16.02
N GLY B 391 23.07 -29.86 -16.80
CA GLY B 391 21.92 -30.70 -17.09
C GLY B 391 22.10 -31.38 -18.43
N SER B 392 21.39 -30.91 -19.46
CA SER B 392 21.65 -31.31 -20.83
C SER B 392 22.74 -30.45 -21.46
N GLU B 393 23.54 -31.08 -22.33
CA GLU B 393 24.51 -30.36 -23.13
C GLU B 393 23.82 -29.70 -24.32
N SER B 394 22.58 -30.15 -24.62
CA SER B 394 21.83 -29.68 -25.78
C SER B 394 21.37 -28.23 -25.57
N CYS B 395 21.37 -27.81 -24.30
CA CYS B 395 21.08 -26.45 -23.88
C CYS B 395 22.09 -25.43 -24.39
N PHE B 396 23.21 -25.91 -24.97
CA PHE B 396 24.31 -25.05 -25.42
C PHE B 396 24.74 -25.41 -26.84
N SER B 397 24.90 -24.38 -27.69
CA SER B 397 25.33 -24.53 -29.07
C SER B 397 26.84 -24.77 -29.14
N GLU B 398 27.54 -24.38 -28.08
CA GLU B 398 28.98 -24.53 -27.99
C GLU B 398 29.29 -25.92 -27.43
N THR B 399 30.58 -26.18 -27.19
CA THR B 399 31.07 -27.46 -26.66
C THR B 399 31.42 -27.26 -25.19
N LEU B 400 30.89 -28.15 -24.34
CA LEU B 400 31.05 -27.98 -22.91
C LEU B 400 32.36 -28.58 -22.43
N LEU B 401 33.31 -27.72 -22.05
CA LEU B 401 34.48 -28.16 -21.31
C LEU B 401 34.07 -28.36 -19.85
N ARG B 402 33.66 -29.61 -19.53
CA ARG B 402 33.18 -29.96 -18.21
C ARG B 402 34.39 -30.16 -17.27
N LEU B 403 34.54 -29.29 -16.27
CA LEU B 403 35.64 -29.35 -15.33
C LEU B 403 35.22 -30.12 -14.07
N PRO B 404 36.17 -30.56 -13.21
CA PRO B 404 35.80 -31.16 -11.92
C PRO B 404 35.14 -30.08 -11.08
N LYS B 405 34.61 -30.47 -9.92
CA LYS B 405 33.69 -29.63 -9.16
C LYS B 405 34.48 -28.52 -8.42
N ASP B 406 35.76 -28.75 -8.19
CA ASP B 406 36.58 -27.85 -7.37
C ASP B 406 37.29 -26.82 -8.25
N ALA B 407 37.34 -27.06 -9.57
CA ALA B 407 38.19 -26.31 -10.50
C ALA B 407 38.01 -24.79 -10.37
N LEU B 408 36.85 -24.33 -9.90
CA LEU B 408 36.54 -22.89 -9.79
C LEU B 408 36.30 -22.53 -8.33
N PRO B 409 37.38 -22.38 -7.52
CA PRO B 409 37.24 -22.01 -6.12
C PRO B 409 36.83 -20.55 -5.98
N TYR B 410 35.90 -20.27 -5.06
CA TYR B 410 35.36 -18.93 -4.84
C TYR B 410 36.22 -18.19 -3.81
N VAL B 411 36.65 -16.97 -4.13
CA VAL B 411 37.22 -16.08 -3.13
C VAL B 411 36.05 -15.41 -2.40
N PRO B 412 35.97 -15.49 -1.05
CA PRO B 412 34.85 -14.91 -0.32
C PRO B 412 34.83 -13.40 -0.47
N SER B 413 33.67 -12.81 -0.16
CA SER B 413 33.56 -11.36 -0.04
C SER B 413 34.08 -10.94 1.33
N SER B 414 34.74 -9.76 1.39
CA SER B 414 35.14 -9.18 2.66
C SER B 414 34.08 -8.19 3.16
N LEU B 415 32.82 -8.50 2.81
CA LEU B 415 31.64 -8.00 3.51
C LEU B 415 30.96 -9.15 4.27
N ALA B 416 31.47 -10.38 4.07
CA ALA B 416 30.86 -11.58 4.65
C ALA B 416 30.86 -11.51 6.18
N PRO B 417 29.76 -11.87 6.86
CA PRO B 417 29.73 -11.80 8.33
C PRO B 417 30.53 -12.97 8.87
N THR B 418 31.10 -12.81 10.06
CA THR B 418 31.98 -13.83 10.61
C THR B 418 31.38 -14.33 11.92
N ASP B 419 31.25 -13.41 12.87
CA ASP B 419 30.63 -13.75 14.14
C ASP B 419 29.12 -13.64 13.97
N VAL B 420 28.48 -14.78 13.68
CA VAL B 420 27.11 -14.84 13.20
C VAL B 420 26.22 -15.44 14.28
N GLN B 421 25.05 -14.81 14.51
CA GLN B 421 24.11 -15.25 15.52
C GLN B 421 23.03 -16.10 14.84
N TYR B 422 22.66 -17.23 15.46
CA TYR B 422 21.78 -18.21 14.85
C TYR B 422 20.41 -18.20 15.51
N VAL B 423 19.36 -18.45 14.70
CA VAL B 423 17.99 -18.46 15.20
C VAL B 423 17.33 -19.76 14.76
N LEU B 424 17.43 -20.78 15.62
CA LEU B 424 16.64 -21.98 15.49
C LEU B 424 15.45 -21.86 16.42
N ARG B 425 14.29 -21.51 15.84
CA ARG B 425 13.03 -21.44 16.58
C ARG B 425 12.45 -22.83 16.74
N GLU B 426 12.11 -23.20 17.98
CA GLU B 426 11.76 -24.57 18.31
C GLU B 426 10.43 -24.92 17.64
N THR B 427 9.34 -24.29 18.08
CA THR B 427 8.06 -24.48 17.43
C THR B 427 7.50 -23.11 17.12
N PRO B 428 7.72 -22.55 15.91
CA PRO B 428 7.14 -21.27 15.55
C PRO B 428 5.65 -21.43 15.24
N GLU B 429 4.89 -20.36 15.54
CA GLU B 429 3.47 -20.26 15.22
C GLU B 429 3.30 -20.13 13.71
N VAL B 430 4.10 -19.20 13.19
CA VAL B 430 4.18 -18.91 11.77
C VAL B 430 5.60 -19.21 11.32
N VAL B 431 5.73 -20.13 10.37
CA VAL B 431 7.01 -20.42 9.78
C VAL B 431 7.34 -19.30 8.80
N ASN B 432 8.32 -18.46 9.15
CA ASN B 432 8.77 -17.41 8.27
C ASN B 432 9.65 -18.00 7.16
N ILE B 433 9.29 -17.73 5.91
CA ILE B 433 9.98 -18.28 4.76
C ILE B 433 10.68 -17.15 4.00
N GLY B 434 12.00 -17.26 3.85
CA GLY B 434 12.74 -16.25 3.13
C GLY B 434 12.97 -16.65 1.67
N ILE B 435 12.97 -15.64 0.78
CA ILE B 435 13.17 -15.84 -0.65
C ILE B 435 14.13 -14.76 -1.14
N ALA B 436 15.38 -15.17 -1.42
CA ALA B 436 16.38 -14.29 -1.98
C ALA B 436 16.31 -14.34 -3.50
N ALA B 437 15.79 -13.27 -4.10
CA ALA B 437 15.56 -13.30 -5.53
C ALA B 437 15.51 -11.88 -6.10
N THR B 438 16.42 -11.56 -7.01
CA THR B 438 16.26 -10.38 -7.83
C THR B 438 14.96 -10.48 -8.62
N THR B 439 14.51 -9.35 -9.18
CA THR B 439 13.19 -9.27 -9.79
C THR B 439 13.08 -10.16 -11.01
N MET B 440 14.19 -10.35 -11.74
CA MET B 440 14.18 -11.10 -13.00
C MET B 440 13.70 -12.53 -12.77
N LYS B 441 13.89 -13.07 -11.55
CA LYS B 441 13.65 -14.48 -11.29
C LYS B 441 12.22 -14.76 -10.84
N LEU B 442 11.38 -13.72 -10.75
CA LEU B 442 9.98 -13.90 -10.39
C LEU B 442 9.13 -14.08 -11.64
N ASN B 443 8.15 -15.00 -11.56
CA ASN B 443 7.21 -15.27 -12.64
C ASN B 443 5.88 -15.77 -12.07
N PRO B 444 4.81 -15.89 -12.90
CA PRO B 444 3.55 -16.50 -12.49
C PRO B 444 3.64 -17.90 -11.88
N TYR B 445 4.48 -18.78 -12.42
CA TYR B 445 4.47 -20.16 -11.92
C TYR B 445 5.05 -20.21 -10.51
N PHE B 446 6.21 -19.59 -10.32
CA PHE B 446 6.82 -19.53 -8.99
C PHE B 446 5.88 -18.92 -7.94
N LEU B 447 5.20 -17.80 -8.25
CA LEU B 447 4.24 -17.18 -7.33
C LEU B 447 2.99 -18.03 -7.15
N GLU B 448 2.49 -18.64 -8.24
CA GLU B 448 1.38 -19.58 -8.11
C GLU B 448 1.81 -20.71 -7.17
N THR B 449 3.06 -21.15 -7.29
CA THR B 449 3.55 -22.28 -6.51
C THR B 449 3.58 -21.93 -5.02
N LEU B 450 3.98 -20.69 -4.72
CA LEU B 450 4.01 -20.25 -3.33
C LEU B 450 2.57 -20.15 -2.79
N LYS B 451 1.64 -19.60 -3.58
CA LYS B 451 0.25 -19.56 -3.17
C LYS B 451 -0.23 -20.95 -2.76
N THR B 452 0.09 -21.97 -3.58
CA THR B 452 -0.36 -23.34 -3.35
C THR B 452 0.23 -23.89 -2.06
N ILE B 453 1.53 -23.65 -1.85
CA ILE B 453 2.17 -24.12 -0.63
C ILE B 453 1.39 -23.59 0.56
N ARG B 454 1.14 -22.28 0.56
CA ARG B 454 0.48 -21.63 1.68
C ARG B 454 -0.90 -22.25 1.90
N ASP B 455 -1.64 -22.49 0.82
CA ASP B 455 -3.00 -23.03 0.85
C ASP B 455 -3.03 -24.45 1.42
N ARG B 456 -2.00 -25.26 1.14
CA ARG B 456 -1.98 -26.68 1.48
C ARG B 456 -1.27 -26.93 2.81
N ALA B 457 -0.25 -26.12 3.12
CA ALA B 457 0.48 -26.25 4.37
C ALA B 457 -0.49 -26.44 5.53
N LYS B 458 -0.18 -27.36 6.45
CA LYS B 458 -0.98 -27.54 7.65
C LYS B 458 -0.51 -26.56 8.74
N VAL B 459 0.46 -25.67 8.42
CA VAL B 459 0.95 -24.66 9.35
C VAL B 459 0.83 -23.27 8.73
N LYS B 460 0.83 -22.23 9.57
CA LYS B 460 0.84 -20.85 9.08
C LYS B 460 2.24 -20.52 8.54
N VAL B 461 2.29 -19.87 7.37
CA VAL B 461 3.54 -19.45 6.75
C VAL B 461 3.47 -17.99 6.33
N HIS B 462 4.59 -17.26 6.50
CA HIS B 462 4.72 -15.90 5.98
C HIS B 462 5.98 -15.83 5.11
N PHE B 463 5.84 -15.29 3.89
CA PHE B 463 6.95 -15.18 2.96
C PHE B 463 7.58 -13.80 3.07
N HIS B 464 8.91 -13.72 3.28
CA HIS B 464 9.64 -12.48 3.13
C HIS B 464 10.47 -12.56 1.85
N PHE B 465 10.13 -11.71 0.86
CA PHE B 465 10.93 -11.58 -0.35
C PHE B 465 11.95 -10.45 -0.16
N ALA B 466 13.22 -10.82 -0.34
CA ALA B 466 14.32 -9.87 -0.38
C ALA B 466 14.64 -9.57 -1.84
N LEU B 467 14.19 -8.41 -2.36
CA LEU B 467 14.01 -8.24 -3.79
C LEU B 467 15.12 -7.39 -4.41
N GLY B 468 16.25 -8.01 -4.73
CA GLY B 468 17.28 -7.31 -5.49
C GLY B 468 16.67 -6.70 -6.76
N GLN B 469 17.07 -5.46 -7.06
CA GLN B 469 16.66 -4.71 -8.25
C GLN B 469 15.28 -4.04 -8.09
N SER B 470 14.52 -4.34 -7.02
CA SER B 470 13.28 -3.61 -6.73
C SER B 470 13.62 -2.31 -6.00
N ILE B 471 13.81 -1.24 -6.78
CA ILE B 471 14.28 0.04 -6.29
C ILE B 471 13.34 1.14 -6.77
N GLY B 472 13.13 2.17 -5.96
CA GLY B 472 12.42 3.37 -6.41
C GLY B 472 11.07 3.04 -6.99
N ILE B 473 10.82 3.42 -8.27
CA ILE B 473 9.50 3.26 -8.88
C ILE B 473 9.24 1.81 -9.28
N THR B 474 10.21 0.93 -9.15
CA THR B 474 9.94 -0.46 -9.47
C THR B 474 9.07 -1.07 -8.38
N HIS B 475 9.24 -0.65 -7.12
CA HIS B 475 8.82 -1.47 -6.01
C HIS B 475 7.30 -1.58 -5.86
N PRO B 476 6.50 -0.48 -5.98
CA PRO B 476 5.06 -0.55 -5.83
C PRO B 476 4.42 -1.61 -6.73
N TYR B 477 4.88 -1.61 -7.99
CA TYR B 477 4.44 -2.56 -8.98
C TYR B 477 4.72 -3.97 -8.46
N VAL B 478 5.93 -4.21 -7.97
CA VAL B 478 6.37 -5.53 -7.56
C VAL B 478 5.57 -5.97 -6.35
N ALA B 479 5.40 -5.04 -5.41
CA ALA B 479 4.80 -5.36 -4.13
C ALA B 479 3.36 -5.79 -4.34
N ARG B 480 2.74 -5.18 -5.36
CA ARG B 480 1.35 -5.43 -5.70
C ARG B 480 1.21 -6.81 -6.31
N PHE B 481 2.05 -7.07 -7.32
CA PHE B 481 2.21 -8.39 -7.91
C PHE B 481 2.27 -9.45 -6.81
N ILE B 482 3.08 -9.24 -5.77
CA ILE B 482 3.16 -10.24 -4.72
C ILE B 482 1.85 -10.28 -3.93
N ARG B 483 1.28 -9.12 -3.57
CA ARG B 483 0.02 -9.08 -2.84
C ARG B 483 -1.07 -9.79 -3.64
N SER B 484 -1.01 -9.71 -4.97
CA SER B 484 -2.03 -10.31 -5.82
C SER B 484 -2.05 -11.83 -5.66
N TYR B 485 -0.98 -12.43 -5.15
CA TYR B 485 -0.93 -13.87 -4.95
C TYR B 485 -1.03 -14.25 -3.48
N LEU B 486 -0.40 -13.49 -2.58
CA LEU B 486 -0.22 -13.93 -1.21
C LEU B 486 -0.86 -12.99 -0.18
N GLY B 487 -1.56 -11.95 -0.65
CA GLY B 487 -2.18 -10.97 0.23
C GLY B 487 -1.29 -10.56 1.40
N ASP B 488 -1.77 -10.81 2.62
CA ASP B 488 -1.10 -10.37 3.83
C ASP B 488 -0.07 -11.40 4.28
N ASP B 489 0.10 -12.51 3.55
CA ASP B 489 1.04 -13.55 3.94
C ASP B 489 2.40 -13.39 3.27
N ALA B 490 2.64 -12.28 2.57
CA ALA B 490 3.99 -11.99 2.08
C ALA B 490 4.34 -10.55 2.41
N THR B 491 5.62 -10.30 2.68
CA THR B 491 6.22 -8.98 2.75
C THR B 491 7.22 -8.88 1.61
N ALA B 492 7.18 -7.77 0.87
CA ALA B 492 8.12 -7.59 -0.23
C ALA B 492 9.09 -6.47 0.15
N HIS B 493 10.30 -6.88 0.55
CA HIS B 493 11.36 -5.98 0.95
C HIS B 493 12.03 -5.39 -0.29
N PRO B 494 12.24 -4.05 -0.35
CA PRO B 494 13.03 -3.44 -1.41
C PRO B 494 14.47 -3.93 -1.42
N HIS B 495 15.15 -3.66 -2.54
CA HIS B 495 16.60 -3.74 -2.62
C HIS B 495 17.14 -3.03 -1.38
N SER B 496 17.97 -3.73 -0.61
CA SER B 496 18.51 -3.21 0.63
C SER B 496 20.03 -3.35 0.63
N PRO B 497 20.77 -2.56 1.44
CA PRO B 497 22.18 -2.81 1.71
C PRO B 497 22.41 -4.23 2.25
N TYR B 498 23.61 -4.75 2.01
CA TYR B 498 23.87 -6.17 2.17
C TYR B 498 23.50 -6.64 3.58
N ASN B 499 23.96 -5.93 4.61
CA ASN B 499 23.85 -6.45 5.95
C ASN B 499 22.36 -6.53 6.32
N ARG B 500 21.57 -5.59 5.78
CA ARG B 500 20.13 -5.47 6.03
C ARG B 500 19.38 -6.63 5.36
N TYR B 501 19.71 -6.87 4.09
CA TYR B 501 19.30 -8.08 3.39
C TYR B 501 19.50 -9.31 4.26
N LEU B 502 20.72 -9.50 4.78
CA LEU B 502 21.03 -10.64 5.63
C LEU B 502 20.15 -10.64 6.89
N ASP B 503 19.81 -9.46 7.42
CA ASP B 503 19.00 -9.39 8.63
C ASP B 503 17.60 -9.94 8.37
N ILE B 504 17.04 -9.64 7.18
CA ILE B 504 15.73 -10.12 6.76
C ILE B 504 15.70 -11.64 6.77
N LEU B 505 16.67 -12.26 6.10
CA LEU B 505 16.74 -13.71 5.95
C LEU B 505 17.01 -14.36 7.31
N HIS B 506 17.91 -13.76 8.11
CA HIS B 506 18.36 -14.31 9.38
C HIS B 506 17.17 -14.51 10.31
N ASN B 507 16.10 -13.78 9.98
CA ASN B 507 14.85 -13.77 10.72
C ASN B 507 13.93 -14.92 10.28
N CYS B 508 14.25 -15.57 9.15
CA CYS B 508 13.44 -16.65 8.63
C CYS B 508 13.82 -17.97 9.28
N ASP B 509 12.92 -18.95 9.12
CA ASP B 509 13.02 -20.31 9.66
C ASP B 509 13.39 -21.31 8.56
N MET B 510 13.32 -20.87 7.30
CA MET B 510 13.70 -21.66 6.13
C MET B 510 13.67 -20.73 4.92
N MET B 511 14.13 -21.24 3.75
CA MET B 511 14.11 -20.46 2.52
C MET B 511 13.62 -21.30 1.33
N LEU B 512 13.13 -20.63 0.27
CA LEU B 512 12.72 -21.28 -0.97
C LEU B 512 13.44 -20.60 -2.12
N ASN B 513 13.80 -21.38 -3.12
CA ASN B 513 14.62 -20.89 -4.21
C ASN B 513 13.66 -20.70 -5.39
N PRO B 514 13.78 -19.61 -6.17
CA PRO B 514 12.96 -19.44 -7.36
C PRO B 514 13.41 -20.43 -8.44
N PHE B 515 12.48 -20.70 -9.37
CA PHE B 515 12.74 -21.39 -10.63
C PHE B 515 12.03 -20.63 -11.74
N PRO B 516 12.43 -20.75 -13.03
CA PRO B 516 13.45 -21.70 -13.49
C PRO B 516 14.89 -21.35 -13.11
N PHE B 517 15.23 -20.08 -13.32
CA PHE B 517 16.53 -19.51 -13.00
C PHE B 517 16.68 -19.40 -11.48
N GLY B 518 17.60 -20.21 -10.92
CA GLY B 518 17.80 -20.34 -9.49
C GLY B 518 18.83 -19.36 -8.96
N ASN B 519 19.39 -19.66 -7.77
CA ASN B 519 20.35 -18.80 -7.08
C ASN B 519 21.74 -19.45 -7.02
N THR B 520 22.73 -18.60 -6.70
CA THR B 520 24.09 -19.01 -6.43
C THR B 520 24.50 -18.31 -5.14
N ASN B 521 24.75 -17.00 -5.23
CA ASN B 521 25.14 -16.21 -4.08
C ASN B 521 24.10 -16.33 -2.96
N GLY B 522 22.81 -16.43 -3.33
CA GLY B 522 21.72 -16.56 -2.36
C GLY B 522 21.83 -17.81 -1.48
N ILE B 523 22.42 -18.88 -2.05
CA ILE B 523 22.65 -20.12 -1.31
C ILE B 523 23.87 -19.96 -0.42
N ILE B 524 24.93 -19.28 -0.89
CA ILE B 524 26.03 -18.91 0.01
C ILE B 524 25.38 -18.21 1.22
N ASP B 525 24.62 -17.14 0.92
CA ASP B 525 23.95 -16.33 1.92
C ASP B 525 23.16 -17.26 2.86
N MET B 526 22.43 -18.22 2.27
CA MET B 526 21.58 -19.12 3.04
C MET B 526 22.38 -19.89 4.10
N VAL B 527 23.36 -20.70 3.65
CA VAL B 527 24.11 -21.55 4.58
C VAL B 527 24.95 -20.68 5.51
N THR B 528 25.43 -19.52 5.02
CA THR B 528 26.13 -18.57 5.86
C THR B 528 25.37 -18.32 7.18
N LEU B 529 24.04 -18.22 7.09
CA LEU B 529 23.17 -18.03 8.25
C LEU B 529 22.70 -19.36 8.83
N GLY B 530 23.15 -20.49 8.26
CA GLY B 530 22.80 -21.79 8.77
C GLY B 530 21.32 -22.12 8.55
N LEU B 531 20.85 -21.90 7.32
CA LEU B 531 19.48 -22.21 6.97
C LEU B 531 19.44 -23.31 5.92
N VAL B 532 18.31 -23.98 5.86
CA VAL B 532 18.03 -24.97 4.84
C VAL B 532 16.88 -24.44 3.99
N GLY B 533 16.83 -24.85 2.71
CA GLY B 533 15.68 -24.57 1.87
C GLY B 533 15.47 -25.61 0.78
N VAL B 534 14.57 -25.33 -0.17
CA VAL B 534 14.27 -26.22 -1.27
C VAL B 534 14.59 -25.53 -2.60
N CYS B 535 14.79 -26.31 -3.66
CA CYS B 535 15.05 -25.77 -4.98
C CYS B 535 14.58 -26.75 -6.06
N LYS B 536 14.56 -26.25 -7.31
CA LYS B 536 14.26 -27.06 -8.47
C LYS B 536 15.55 -27.29 -9.27
N THR B 537 15.53 -28.35 -10.09
CA THR B 537 16.61 -28.68 -11.00
C THR B 537 16.01 -28.84 -12.39
N GLY B 538 16.86 -28.73 -13.41
CA GLY B 538 16.42 -28.85 -14.79
C GLY B 538 17.58 -28.92 -15.76
N PRO B 539 17.28 -29.04 -17.08
CA PRO B 539 18.31 -29.17 -18.13
C PRO B 539 19.31 -28.03 -18.20
N GLU B 540 18.82 -26.80 -17.95
CA GLU B 540 19.62 -25.60 -18.15
C GLU B 540 20.54 -25.43 -16.95
N VAL B 541 21.67 -24.74 -17.17
CA VAL B 541 22.66 -24.58 -16.12
C VAL B 541 22.04 -23.80 -14.94
N HIS B 542 21.34 -22.71 -15.24
CA HIS B 542 20.73 -21.86 -14.23
C HIS B 542 19.58 -22.59 -13.49
N GLU B 543 19.03 -23.68 -14.05
CA GLU B 543 18.12 -24.58 -13.35
C GLU B 543 18.88 -25.52 -12.40
N HIS B 544 20.09 -25.94 -12.80
CA HIS B 544 20.77 -27.11 -12.23
C HIS B 544 21.85 -26.72 -11.21
N ILE B 545 22.39 -25.50 -11.31
CA ILE B 545 23.39 -25.04 -10.34
C ILE B 545 22.93 -25.35 -8.92
N ASP B 546 21.62 -25.16 -8.65
CA ASP B 546 21.07 -25.31 -7.32
C ASP B 546 21.24 -26.75 -6.85
N GLU B 547 20.80 -27.73 -7.68
CA GLU B 547 21.01 -29.15 -7.46
C GLU B 547 22.46 -29.42 -7.07
N GLY B 548 23.38 -29.00 -7.95
CA GLY B 548 24.80 -29.18 -7.75
C GLY B 548 25.26 -28.61 -6.42
N LEU B 549 24.95 -27.33 -6.19
CA LEU B 549 25.50 -26.58 -5.07
C LEU B 549 24.97 -27.13 -3.74
N PHE B 550 23.73 -27.61 -3.76
CA PHE B 550 23.18 -28.30 -2.61
C PHE B 550 24.07 -29.50 -2.29
N LYS B 551 24.25 -30.38 -3.29
CA LYS B 551 25.08 -31.57 -3.16
C LYS B 551 26.46 -31.19 -2.65
N ARG B 552 27.10 -30.17 -3.25
CA ARG B 552 28.41 -29.69 -2.84
C ARG B 552 28.45 -29.27 -1.38
N LEU B 553 27.31 -28.83 -0.82
CA LEU B 553 27.27 -28.35 0.56
C LEU B 553 26.77 -29.44 1.51
N GLY B 554 26.42 -30.61 0.96
CA GLY B 554 26.20 -31.80 1.76
C GLY B 554 24.82 -31.80 2.45
N LEU B 555 23.88 -31.08 1.85
CA LEU B 555 22.48 -31.11 2.26
C LEU B 555 21.78 -32.24 1.50
N PRO B 556 20.67 -32.83 2.03
CA PRO B 556 20.10 -34.03 1.43
C PRO B 556 19.37 -33.80 0.11
N GLU B 557 19.12 -34.91 -0.60
CA GLU B 557 18.64 -34.88 -1.98
C GLU B 557 17.15 -34.57 -2.04
N TRP B 558 16.40 -34.86 -0.96
CA TRP B 558 14.96 -34.64 -0.98
C TRP B 558 14.62 -33.14 -1.12
N LEU B 559 15.53 -32.25 -0.70
CA LEU B 559 15.37 -30.81 -0.87
C LEU B 559 15.47 -30.36 -2.34
N ILE B 560 15.73 -31.30 -3.26
CA ILE B 560 15.83 -30.97 -4.67
C ILE B 560 14.67 -31.62 -5.41
N ALA B 561 14.04 -30.86 -6.32
CA ALA B 561 12.74 -31.23 -6.86
C ALA B 561 12.75 -31.20 -8.40
N ASP B 562 12.23 -32.26 -9.02
CA ASP B 562 12.24 -32.37 -10.48
C ASP B 562 11.07 -31.59 -11.08
N SER B 563 9.88 -31.72 -10.45
CA SER B 563 8.64 -31.13 -10.96
C SER B 563 8.13 -30.01 -10.04
N VAL B 564 7.20 -29.21 -10.56
CA VAL B 564 6.59 -28.16 -9.76
C VAL B 564 5.94 -28.84 -8.56
N GLU B 565 5.36 -30.02 -8.78
CA GLU B 565 4.54 -30.66 -7.76
C GLU B 565 5.44 -31.20 -6.64
N ASP B 566 6.57 -31.82 -7.00
CA ASP B 566 7.59 -32.18 -6.02
C ASP B 566 7.92 -30.97 -5.14
N TYR B 567 8.31 -29.86 -5.78
CA TYR B 567 8.68 -28.62 -5.08
C TYR B 567 7.68 -28.34 -3.96
N ILE B 568 6.38 -28.42 -4.25
CA ILE B 568 5.34 -28.15 -3.28
C ILE B 568 5.40 -29.13 -2.09
N GLU B 569 5.50 -30.44 -2.38
CA GLU B 569 5.46 -31.43 -1.31
C GLU B 569 6.63 -31.21 -0.36
N ARG B 570 7.79 -30.88 -0.92
CA ARG B 570 9.02 -30.77 -0.15
C ARG B 570 8.97 -29.48 0.69
N ALA B 571 8.60 -28.37 0.04
CA ALA B 571 8.39 -27.10 0.70
C ALA B 571 7.42 -27.24 1.89
N ILE B 572 6.27 -27.87 1.66
CA ILE B 572 5.28 -28.11 2.71
C ILE B 572 5.89 -28.97 3.82
N ARG B 573 6.54 -30.09 3.44
CA ARG B 573 7.07 -31.02 4.41
C ARG B 573 8.07 -30.30 5.32
N LEU B 574 8.90 -29.42 4.74
CA LEU B 574 9.93 -28.72 5.49
C LEU B 574 9.33 -27.61 6.36
N ALA B 575 8.20 -27.04 5.94
CA ALA B 575 7.48 -26.08 6.75
C ALA B 575 6.69 -26.81 7.84
N GLU B 576 6.17 -28.01 7.53
CA GLU B 576 5.37 -28.76 8.51
C GLU B 576 6.29 -29.33 9.59
N ASN B 577 7.31 -30.14 9.21
CA ASN B 577 8.10 -30.91 10.16
C ASN B 577 9.19 -30.04 10.79
N HIS B 578 8.81 -29.33 11.86
CA HIS B 578 9.69 -28.42 12.59
C HIS B 578 10.92 -29.16 13.12
N GLN B 579 10.74 -30.41 13.58
CA GLN B 579 11.78 -31.17 14.26
C GLN B 579 12.82 -31.60 13.23
N GLU B 580 12.29 -32.07 12.10
CA GLU B 580 13.11 -32.40 10.96
C GLU B 580 13.95 -31.17 10.59
N ARG B 581 13.29 -30.03 10.36
CA ARG B 581 13.94 -28.82 9.85
C ARG B 581 15.13 -28.43 10.72
N LEU B 582 14.92 -28.37 12.03
CA LEU B 582 15.96 -27.97 12.97
C LEU B 582 17.12 -28.97 12.96
N ALA B 583 16.80 -30.28 12.87
CA ALA B 583 17.83 -31.29 12.76
C ALA B 583 18.77 -30.96 11.59
N LEU B 584 18.18 -30.62 10.44
CA LEU B 584 18.93 -30.38 9.22
C LEU B 584 19.79 -29.12 9.34
N ARG B 585 19.31 -28.12 10.10
CA ARG B 585 20.05 -26.89 10.30
C ARG B 585 21.23 -27.15 11.23
N ARG B 586 20.97 -27.84 12.35
CA ARG B 586 22.04 -28.21 13.26
C ARG B 586 23.16 -28.94 12.51
N HIS B 587 22.77 -29.85 11.60
CA HIS B 587 23.72 -30.53 10.72
C HIS B 587 24.62 -29.48 10.05
N ILE B 588 24.00 -28.58 9.28
CA ILE B 588 24.71 -27.69 8.38
C ILE B 588 25.65 -26.76 9.14
N ILE B 589 25.22 -26.35 10.34
CA ILE B 589 25.94 -25.39 11.15
C ILE B 589 27.26 -26.01 11.62
N GLU B 590 27.19 -27.29 12.00
CA GLU B 590 28.36 -28.01 12.52
C GLU B 590 29.26 -28.43 11.35
N ASN B 591 28.69 -28.79 10.19
CA ASN B 591 29.43 -29.43 9.10
C ASN B 591 30.25 -28.46 8.26
N ASN B 592 29.95 -27.16 8.32
CA ASN B 592 30.70 -26.14 7.60
C ASN B 592 31.08 -26.63 6.20
N GLY B 593 30.10 -27.10 5.44
CA GLY B 593 30.29 -27.39 4.02
C GLY B 593 30.81 -26.17 3.25
N LEU B 594 30.53 -24.97 3.78
CA LEU B 594 30.77 -23.72 3.07
C LEU B 594 32.24 -23.57 2.70
N LYS B 595 33.16 -23.75 3.66
CA LYS B 595 34.56 -23.38 3.49
C LYS B 595 35.22 -24.24 2.40
N THR B 596 34.53 -25.30 1.97
CA THR B 596 35.00 -26.20 0.93
C THR B 596 34.86 -25.57 -0.46
N LEU B 597 34.19 -24.41 -0.55
CA LEU B 597 34.01 -23.71 -1.81
C LEU B 597 35.23 -22.82 -2.08
N PHE B 598 35.86 -22.31 -1.01
CA PHE B 598 37.10 -21.57 -1.17
C PHE B 598 38.26 -22.54 -1.36
N SER B 599 38.00 -23.85 -1.20
CA SER B 599 38.99 -24.90 -1.44
C SER B 599 38.96 -25.33 -2.90
N GLY B 600 40.04 -25.94 -3.39
CA GLY B 600 40.04 -26.61 -4.68
C GLY B 600 41.35 -26.46 -5.44
N ASP B 601 41.51 -27.27 -6.51
CA ASP B 601 42.63 -27.22 -7.44
C ASP B 601 42.21 -26.45 -8.69
N PRO B 602 42.59 -25.15 -8.82
CA PRO B 602 42.11 -24.25 -9.90
C PRO B 602 42.77 -24.38 -11.27
N SER B 603 43.71 -25.33 -11.40
CA SER B 603 44.55 -25.45 -12.58
C SER B 603 43.79 -25.99 -13.79
N PRO B 604 42.75 -26.88 -13.64
CA PRO B 604 42.17 -27.57 -14.79
C PRO B 604 41.80 -26.67 -15.98
N MET B 605 41.37 -25.43 -15.72
CA MET B 605 40.91 -24.54 -16.79
C MET B 605 42.04 -24.38 -17.81
N GLY B 606 43.17 -23.83 -17.36
CA GLY B 606 44.31 -23.54 -18.22
C GLY B 606 44.90 -24.78 -18.90
N LYS B 607 44.81 -25.93 -18.22
CA LYS B 607 45.32 -27.19 -18.72
C LYS B 607 44.47 -27.68 -19.90
N THR B 608 43.15 -27.67 -19.71
CA THR B 608 42.23 -28.17 -20.72
C THR B 608 42.30 -27.30 -21.97
N LEU B 609 42.62 -26.00 -21.78
CA LEU B 609 42.70 -25.03 -22.87
C LEU B 609 44.02 -25.15 -23.63
N PHE B 610 45.13 -25.34 -22.91
CA PHE B 610 46.40 -25.62 -23.56
C PHE B 610 46.25 -26.91 -24.37
N ALA B 611 45.60 -27.92 -23.77
CA ALA B 611 45.42 -29.23 -24.38
C ALA B 611 44.65 -29.14 -25.70
N LYS B 612 43.92 -28.04 -25.93
CA LYS B 612 43.15 -27.84 -27.15
C LYS B 612 43.96 -27.05 -28.18
N LEU B 613 44.82 -26.14 -27.69
CA LEU B 613 45.76 -25.41 -28.53
C LEU B 613 46.83 -26.36 -29.07
N THR B 614 47.19 -27.35 -28.24
CA THR B 614 47.96 -28.52 -28.65
C THR B 614 47.33 -29.16 -29.90
N GLU B 615 46.08 -29.66 -29.79
CA GLU B 615 45.41 -30.34 -30.89
C GLU B 615 45.11 -29.40 -32.06
N TRP B 616 45.03 -28.09 -31.80
CA TRP B 616 44.72 -27.12 -32.83
C TRP B 616 45.97 -26.80 -33.65
N ARG B 617 47.09 -26.57 -32.95
CA ARG B 617 48.38 -26.31 -33.55
C ARG B 617 48.79 -27.38 -34.57
N GLN B 618 48.49 -28.67 -34.30
CA GLN B 618 49.05 -29.73 -35.14
C GLN B 618 47.97 -30.35 -36.04
N THR B 619 46.81 -29.68 -36.17
CA THR B 619 45.89 -29.94 -37.27
C THR B 619 46.07 -28.85 -38.34
N ASN B 620 46.44 -27.64 -37.91
CA ASN B 620 46.52 -26.48 -38.79
C ASN B 620 47.97 -26.05 -38.97
N GLY B 621 48.77 -26.14 -37.89
CA GLY B 621 50.22 -25.95 -37.94
C GLY B 621 50.66 -24.50 -38.15
N ILE B 622 50.00 -23.55 -37.47
CA ILE B 622 50.08 -22.14 -37.82
C ILE B 622 50.40 -21.32 -36.56
C1 U2F C . -20.47 2.63 20.74
O1 U2F C . -19.34 2.49 19.91
PB U2F C . -17.85 2.43 20.48
O1B U2F C . -17.30 3.81 20.47
O2B U2F C . -17.82 1.59 21.73
O3A U2F C . -17.20 1.67 19.25
PA U2F C . -16.81 0.15 19.41
O1A U2F C . -16.23 -0.04 20.79
O2A U2F C . -16.13 -0.31 18.18
O5' U2F C . -18.29 -0.43 19.40
C5' U2F C . -18.82 -0.86 18.12
C4' U2F C . -18.67 -2.36 17.97
O4' U2F C . -18.07 -2.62 16.67
C1' U2F C . -17.33 -3.80 16.76
C2' U2F C . -16.67 -3.73 18.13
C3' U2F C . -17.80 -3.15 18.97
O3' U2F C . -18.38 -4.38 19.36
O2' U2F C . -16.45 -5.02 18.67
N1 U2F C . -16.38 -3.80 15.63
C6' U2F C . -16.59 -4.70 14.59
O6' U2F C . -17.52 -5.51 14.58
N3 U2F C . -15.68 -4.61 13.56
C7' U2F C . -14.60 -3.75 13.46
O7' U2F C . -13.85 -3.82 12.49
C8' U2F C . -14.47 -2.85 14.57
C9' U2F C . -15.34 -2.90 15.58
C2 U2F C . -21.65 2.34 19.85
F1 U2F C . -21.40 1.13 19.16
C3 U2F C . -21.90 3.44 18.84
O3 U2F C . -23.18 3.21 18.26
C4 U2F C . -21.88 4.82 19.50
O4 U2F C . -21.88 5.82 18.48
C5 U2F C . -20.64 5.02 20.39
C6 U2F C . -20.64 6.30 21.20
O6 U2F C . -21.45 7.33 20.61
O5 U2F C . -20.55 3.93 21.34
N1 UDP D . 21.49 -8.52 -2.61
C2 UDP D . 21.70 -7.38 -1.86
N3 UDP D . 20.56 -6.78 -1.37
C4 UDP D . 19.24 -7.17 -1.57
C5 UDP D . 19.11 -8.35 -2.37
C6 UDP D . 20.22 -8.97 -2.85
O2 UDP D . 22.81 -6.94 -1.62
O4 UDP D . 18.32 -6.53 -1.05
C1' UDP D . 22.69 -9.16 -3.20
C2' UDP D . 23.54 -9.96 -2.21
O2' UDP D . 24.92 -9.70 -2.43
C3' UDP D . 23.16 -11.41 -2.57
C4' UDP D . 22.91 -11.32 -4.08
O4' UDP D . 22.29 -10.02 -4.25
O3' UDP D . 24.21 -12.31 -2.25
C5' UDP D . 22.02 -12.40 -4.67
O5' UDP D . 21.55 -12.02 -5.98
PA UDP D . 22.19 -12.64 -7.32
O1A UDP D . 22.89 -13.92 -7.01
O2A UDP D . 21.17 -12.70 -8.41
O3A UDP D . 23.26 -11.51 -7.71
PB UDP D . 24.31 -11.54 -8.92
O1B UDP D . 25.47 -12.34 -8.40
O2B UDP D . 24.71 -10.12 -9.26
O3B UDP D . 23.58 -12.24 -10.06
#